data_9VSL
#
_entry.id   9VSL
#
_cell.length_a   1.00
_cell.length_b   1.00
_cell.length_c   1.00
_cell.angle_alpha   90.00
_cell.angle_beta   90.00
_cell.angle_gamma   90.00
#
_symmetry.space_group_name_H-M   'P 1'
#
loop_
_entity.id
_entity.type
_entity.pdbx_description
1 polymer 'Phospholipid-transporting ATPase IG'
2 polymer 'Cell cycle control protein 50A'
3 non-polymer 'MAGNESIUM ION'
4 non-polymer 1,2-DIOLEOYL-SN-GLYCERO-3-PHOSPHOCHOLINE
5 non-polymer 2-acetamido-2-deoxy-beta-D-glucopyranose
#
loop_
_entity_poly.entity_id
_entity_poly.type
_entity_poly.pdbx_seq_one_letter_code
_entity_poly.pdbx_strand_id
1 'polypeptide(L)'
;CAGEEKRVGTRTVFVGNHPVSETEAYIAQRFCDNRIVSSKYTLWNFLPKNLFEQFRRIANFYFLIIFLVEVTVDTPTSPV
TSGLPLFFVITVTAIKQGYEDWLRHRADNEVNKSTVYIIENAKRVRKESEKIKVGDVVEVQADETFPCDLILLSSCTTDG
TCYVTTASLDGESNCKTHYAVRDTIALCTAESIDTLRAAIECEQPQPDLYKFVGRINIYSNSLEAVARSLGPENLLLKGA
TLKNTEKIYGVAVYTGMETKMALNYQGKSQKRSAVEKSINAFLIVYLFILLTKAAVCTTLKYVWQSTPYNDEPWYNQKTQ
KERETLKVLKMFTDFLSFMVLFNFIIPVSMYVTVEMQKFLGSFFISWDKDFYDEEINEGALVNTSDLNEELGQVDYVFT
(BFD)KTGTLTENSMEFIECCIDGHKYKGVTQEVDGLSQTDGTLTYFDKVDKNREELFLRALCLCHTVEIKTNDAVDGAT
ESAELTYISSSPDEIALVKGAKRYGFTFLGNRNGYMRVENQRKEIEEYELLHTLNFDAVRRRMSVIVKTQEGDILLFCKG
ADSAVFPRVQNHEIELTKVHVERNAMDGYRTLCVAFKEIAPDDYERINRQLIEAKMALQDREEKMEKVFDDIETNMNLIG
ATAVEDKLQDQAAETIEALHAAGLKVWVLTGDKMETAKSTCYACRLFQTNTELLELTTKTIEESERKEDRLHELLIEYRK
KLLHEFPKSTRSFKKAWTEHQEYGLIIDGSTLSLILNSSQDSSSNNYKSIFLQICMKCTAVLCCRMAPLQKAQIVRMVKN
LKGSPITLSIGDGANDVSMILESHVGIGIKGKEGRQAARNSDYSVPKFKHLKKLLLAHGHLYYVRIAHLVQYFFYKNLCF
ILPQFLYQFFCGFSQQPLYDAAYLTMYNICFTSLPILAYSLLEQHINIDTLTSDPRLYMKISGNAMLQLGPFLYWTFLAA
FEGTVFFFGTYFLFQTASLEENGKVYGNWTFGTIVFTVLVFTVTLKLALDTRFWTWINHFVIWGSLAFYVFFSFFWGGII
WPFLKQQRMYFVFAQMLSSVSTWLAIILLIFISLFPEILLIVLKNVR
;
A
2 'polypeptide(L)'
;MAMNYNAKDEVDGGPPCAPGGTAKTRRPDNTAFKQQRLPAWQPILTAGTVLPIFFIIGLIFIPIGIGIFVTSNNIREIEI
DYTGTEPSSPCNKCLSPDVTPCFCTINFTLEKSFEGNVFMYYGLSNFYQNHRRYVKSRDDSQLNGDSSALLNPSKECEPY
RRNEDKPIAPCGAIMNSMFNDTLELFLIGQDSYPIPIALKKKGIAWWTDKNVKFRNPPGGDNLEERFKGTTKPVNWLKPV
YMLDSDPDNNGFINEDFIVWMRTAALPTFRKLYRLIERKSDLHPTLPAGRYWLNVTYNYPVHYFDGRKRMILSTISWMGG
KNPFLGIAYIAVGSISFLLGVVLLVINHKYRNSSNTADITI
;
C
#
loop_
_chem_comp.id
_chem_comp.type
_chem_comp.name
_chem_comp.formula
MG non-polymer 'MAGNESIUM ION' 'Mg 2'
NAG D-saccharide, beta linking 2-acetamido-2-deoxy-beta-D-glucopyranose 'C8 H15 N O6'
PCW non-polymer 1,2-DIOLEOYL-SN-GLYCERO-3-PHOSPHOCHOLINE 'C44 H85 N O8 P 1'
#
# COMPACT_ATOMS: atom_id res chain seq x y z
N THR A 10 -46.64 -17.60 -20.49
CA THR A 10 -46.13 -18.48 -21.55
C THR A 10 -45.71 -17.67 -22.77
N ARG A 11 -44.80 -18.24 -23.57
CA ARG A 11 -44.35 -17.57 -24.77
C ARG A 11 -44.79 -18.34 -26.01
N THR A 12 -44.89 -17.63 -27.13
CA THR A 12 -45.27 -18.22 -28.40
C THR A 12 -44.05 -18.26 -29.31
N VAL A 13 -43.74 -19.45 -29.81
CA VAL A 13 -42.60 -19.67 -30.70
C VAL A 13 -43.12 -20.21 -32.02
N PHE A 14 -42.68 -19.59 -33.12
CA PHE A 14 -43.03 -20.02 -34.46
C PHE A 14 -41.86 -20.79 -35.04
N VAL A 15 -42.13 -22.00 -35.55
CA VAL A 15 -41.07 -22.95 -35.86
C VAL A 15 -40.15 -22.41 -36.95
N GLY A 16 -40.73 -21.85 -38.01
CA GLY A 16 -39.92 -21.39 -39.12
C GLY A 16 -39.62 -19.92 -39.06
N ASN A 17 -39.90 -19.30 -37.92
CA ASN A 17 -39.78 -17.85 -37.70
C ASN A 17 -40.66 -17.04 -38.65
N HIS A 18 -41.73 -17.64 -39.17
CA HIS A 18 -42.71 -16.94 -39.98
C HIS A 18 -44.11 -17.23 -39.47
N PRO A 19 -45.04 -16.28 -39.58
CA PRO A 19 -46.37 -16.48 -39.01
C PRO A 19 -47.12 -17.63 -39.67
N VAL A 20 -47.93 -18.31 -38.86
CA VAL A 20 -48.69 -19.46 -39.31
C VAL A 20 -50.18 -19.23 -39.09
N GLN A 29 -39.56 -11.33 -30.97
CA GLN A 29 -39.45 -9.88 -30.84
C GLN A 29 -39.10 -9.51 -29.41
N ARG A 30 -39.91 -9.97 -28.47
CA ARG A 30 -39.70 -9.72 -27.05
C ARG A 30 -38.60 -10.58 -26.45
N PHE A 31 -37.90 -11.34 -27.27
CA PHE A 31 -36.84 -12.24 -26.82
C PHE A 31 -35.47 -11.60 -27.07
N CYS A 32 -34.51 -11.95 -26.24
CA CYS A 32 -33.16 -11.41 -26.40
C CYS A 32 -32.44 -12.17 -27.51
N ASP A 33 -31.17 -11.84 -27.69
CA ASP A 33 -30.33 -12.48 -28.69
C ASP A 33 -29.42 -13.49 -28.03
N ASN A 34 -29.10 -14.56 -28.75
CA ASN A 34 -28.26 -15.62 -28.22
C ASN A 34 -26.86 -15.07 -27.96
N ARG A 35 -26.52 -14.87 -26.69
CA ARG A 35 -25.21 -14.32 -26.34
C ARG A 35 -24.83 -14.77 -24.94
N ILE A 36 -23.53 -14.88 -24.71
CA ILE A 36 -22.96 -15.27 -23.43
C ILE A 36 -22.24 -14.06 -22.85
N VAL A 37 -22.57 -13.73 -21.60
CA VAL A 37 -21.95 -12.62 -20.89
C VAL A 37 -21.25 -13.19 -19.67
N SER A 38 -19.96 -13.51 -19.81
CA SER A 38 -19.13 -13.96 -18.70
C SER A 38 -18.33 -12.83 -18.07
N SER A 39 -18.48 -11.61 -18.57
CA SER A 39 -17.75 -10.45 -18.07
C SER A 39 -18.63 -9.65 -17.11
N LYS A 40 -17.99 -8.69 -16.42
CA LYS A 40 -18.65 -7.91 -15.38
C LYS A 40 -19.23 -6.60 -15.92
N TYR A 41 -18.40 -5.76 -16.51
CA TYR A 41 -18.80 -4.43 -16.92
C TYR A 41 -19.14 -4.40 -18.40
N THR A 42 -20.17 -3.61 -18.74
CA THR A 42 -20.38 -3.20 -20.12
C THR A 42 -19.79 -1.80 -20.30
N LEU A 43 -20.04 -1.18 -21.45
CA LEU A 43 -19.52 0.15 -21.70
C LEU A 43 -20.29 1.24 -20.96
N TRP A 44 -21.48 0.93 -20.46
CA TRP A 44 -22.32 1.94 -19.82
C TRP A 44 -22.12 1.98 -18.31
N ASN A 45 -22.05 0.83 -17.66
CA ASN A 45 -21.97 0.76 -16.20
C ASN A 45 -20.56 0.57 -15.70
N PHE A 46 -19.55 0.68 -16.57
CA PHE A 46 -18.18 0.48 -16.14
C PHE A 46 -17.76 1.49 -15.07
N LEU A 47 -18.02 2.78 -15.32
CA LEU A 47 -17.62 3.80 -14.35
C LEU A 47 -18.48 3.75 -13.08
N PRO A 48 -19.81 3.76 -13.15
CA PRO A 48 -20.59 3.72 -11.90
C PRO A 48 -20.33 2.50 -11.04
N LYS A 49 -20.14 1.33 -11.64
CA LYS A 49 -19.86 0.11 -10.91
C LYS A 49 -18.42 0.02 -10.43
N ASN A 50 -17.47 0.56 -11.21
CA ASN A 50 -16.08 0.57 -10.78
C ASN A 50 -15.86 1.53 -9.63
N LEU A 51 -16.58 2.65 -9.62
CA LEU A 51 -16.43 3.63 -8.54
C LEU A 51 -16.84 3.05 -7.20
N PHE A 52 -17.92 2.27 -7.18
CA PHE A 52 -18.37 1.67 -5.93
C PHE A 52 -17.32 0.73 -5.36
N GLU A 53 -16.67 -0.06 -6.22
CA GLU A 53 -15.62 -0.97 -5.78
C GLU A 53 -14.34 -0.24 -5.36
N GLN A 54 -13.98 0.83 -6.08
CA GLN A 54 -12.77 1.58 -5.73
C GLN A 54 -12.94 2.36 -4.43
N PHE A 55 -14.12 2.92 -4.19
CA PHE A 55 -14.38 3.69 -2.99
C PHE A 55 -14.81 2.84 -1.82
N ARG A 56 -14.84 1.52 -1.99
CA ARG A 56 -14.91 0.61 -0.84
C ARG A 56 -13.63 0.66 -0.01
N ARG A 57 -12.57 1.28 -0.53
CA ARG A 57 -11.31 1.41 0.18
C ARG A 57 -11.32 2.69 1.00
N ILE A 58 -11.01 2.53 2.30
CA ILE A 58 -11.11 3.61 3.26
C ILE A 58 -10.12 4.73 2.98
N ALA A 59 -8.93 4.42 2.48
CA ALA A 59 -7.99 5.46 2.07
C ALA A 59 -8.53 6.32 0.93
N ASN A 60 -9.12 5.70 -0.09
CA ASN A 60 -9.75 6.46 -1.16
C ASN A 60 -10.92 7.30 -0.65
N PHE A 61 -11.75 6.75 0.24
CA PHE A 61 -12.84 7.54 0.79
C PHE A 61 -12.32 8.73 1.59
N TYR A 62 -11.28 8.51 2.40
CA TYR A 62 -10.73 9.58 3.23
C TYR A 62 -10.12 10.68 2.37
N PHE A 63 -9.38 10.31 1.33
CA PHE A 63 -8.76 11.32 0.48
C PHE A 63 -9.72 11.93 -0.52
N LEU A 64 -10.89 11.33 -0.75
CA LEU A 64 -11.98 12.04 -1.41
C LEU A 64 -12.63 13.06 -0.50
N ILE A 65 -12.87 12.71 0.76
CA ILE A 65 -13.43 13.67 1.70
C ILE A 65 -12.49 14.84 1.90
N ILE A 66 -11.18 14.58 2.04
CA ILE A 66 -10.20 15.63 2.19
C ILE A 66 -10.18 16.56 0.98
N PHE A 67 -10.19 16.01 -0.23
CA PHE A 67 -10.23 16.83 -1.43
C PHE A 67 -11.52 17.63 -1.53
N LEU A 68 -12.67 17.04 -1.20
CA LEU A 68 -13.92 17.77 -1.23
C LEU A 68 -13.96 18.92 -0.24
N VAL A 69 -13.47 18.71 0.98
CA VAL A 69 -13.45 19.79 1.96
C VAL A 69 -12.50 20.91 1.53
N GLU A 70 -11.40 20.55 0.89
CA GLU A 70 -10.38 21.59 0.54
C GLU A 70 -10.84 22.43 -0.67
N VAL A 71 -12.00 22.13 -1.29
CA VAL A 71 -12.53 22.95 -2.38
C VAL A 71 -13.68 23.84 -1.93
N THR A 72 -14.58 23.35 -1.09
CA THR A 72 -15.74 24.13 -0.65
C THR A 72 -15.38 25.29 0.26
N VAL A 73 -14.32 25.18 1.05
CA VAL A 73 -13.89 26.25 1.93
C VAL A 73 -12.59 26.84 1.40
N ASP A 74 -12.23 28.01 1.90
CA ASP A 74 -10.99 28.69 1.53
C ASP A 74 -9.87 28.17 2.44
N THR A 75 -8.81 27.65 1.83
CA THR A 75 -7.77 26.98 2.59
C THR A 75 -6.39 27.49 2.17
N PRO A 76 -5.34 27.38 3.03
CA PRO A 76 -3.98 27.73 2.57
C PRO A 76 -3.39 26.54 1.84
N THR A 77 -4.20 25.51 1.64
CA THR A 77 -3.67 24.27 1.03
C THR A 77 -4.40 23.98 -0.28
N SER A 78 -3.74 24.10 -1.43
CA SER A 78 -4.49 23.81 -2.64
C SER A 78 -5.06 22.40 -2.59
N PRO A 79 -6.21 22.18 -3.22
CA PRO A 79 -6.78 20.82 -3.25
C PRO A 79 -5.99 19.87 -4.13
N VAL A 80 -5.06 20.42 -4.92
CA VAL A 80 -4.27 19.61 -5.86
C VAL A 80 -3.35 18.62 -5.16
N THR A 81 -2.98 18.93 -3.93
CA THR A 81 -2.09 18.05 -3.16
C THR A 81 -2.82 16.79 -2.75
N SER A 82 -4.15 16.84 -2.61
CA SER A 82 -4.93 15.65 -2.17
C SER A 82 -5.93 15.25 -3.26
N GLY A 83 -5.66 15.58 -4.51
CA GLY A 83 -6.62 15.29 -5.59
C GLY A 83 -5.90 14.64 -6.73
N LEU A 84 -4.70 15.08 -7.00
CA LEU A 84 -3.87 14.43 -8.02
C LEU A 84 -3.49 13.01 -7.63
N PRO A 85 -3.00 12.72 -6.41
CA PRO A 85 -2.76 11.30 -6.07
C PRO A 85 -4.02 10.46 -6.12
N LEU A 86 -5.16 11.02 -5.69
CA LEU A 86 -6.40 10.26 -5.71
C LEU A 86 -6.82 9.92 -7.13
N PHE A 87 -6.76 10.91 -8.04
CA PHE A 87 -7.07 10.67 -9.44
C PHE A 87 -6.12 9.72 -10.07
N PHE A 88 -4.82 9.79 -9.78
CA PHE A 88 -3.86 8.83 -10.29
C PHE A 88 -4.15 7.41 -9.83
N VAL A 89 -4.42 7.21 -8.54
CA VAL A 89 -4.75 5.88 -8.05
C VAL A 89 -6.01 5.34 -8.69
N ILE A 90 -7.06 6.17 -8.78
CA ILE A 90 -8.33 5.71 -9.32
C ILE A 90 -8.22 5.27 -10.77
N THR A 91 -7.53 6.03 -11.61
CA THR A 91 -7.34 5.63 -13.00
C THR A 91 -6.22 4.63 -13.20
N VAL A 92 -5.39 4.39 -12.20
CA VAL A 92 -4.43 3.28 -12.30
C VAL A 92 -5.10 1.95 -12.01
N THR A 93 -5.96 1.89 -11.00
CA THR A 93 -6.68 0.65 -10.71
C THR A 93 -7.92 0.47 -11.59
N ALA A 94 -8.26 1.44 -12.43
CA ALA A 94 -9.35 1.29 -13.38
C ALA A 94 -8.92 0.81 -14.74
N ILE A 95 -7.75 1.24 -15.23
CA ILE A 95 -7.23 0.72 -16.48
C ILE A 95 -6.97 -0.78 -16.39
N LYS A 96 -6.42 -1.25 -15.27
CA LYS A 96 -6.18 -2.67 -15.07
C LYS A 96 -7.46 -3.48 -15.07
N GLN A 97 -8.50 -3.01 -14.36
CA GLN A 97 -9.78 -3.72 -14.37
C GLN A 97 -10.43 -3.69 -15.75
N GLY A 98 -10.35 -2.57 -16.45
CA GLY A 98 -10.93 -2.46 -17.77
C GLY A 98 -10.22 -3.35 -18.78
N TYR A 99 -8.92 -3.53 -18.62
CA TYR A 99 -8.18 -4.41 -19.52
C TYR A 99 -8.44 -5.87 -19.19
N GLU A 100 -8.52 -6.21 -17.90
CA GLU A 100 -8.82 -7.58 -17.52
C GLU A 100 -10.21 -7.99 -17.96
N ASP A 101 -11.20 -7.10 -17.84
CA ASP A 101 -12.54 -7.40 -18.32
C ASP A 101 -12.64 -7.40 -19.83
N TRP A 102 -11.73 -6.71 -20.53
CA TRP A 102 -11.70 -6.78 -21.98
C TRP A 102 -11.25 -8.14 -22.48
N LEU A 103 -10.34 -8.79 -21.76
CA LEU A 103 -9.98 -10.16 -22.10
C LEU A 103 -11.16 -11.11 -21.92
N ARG A 104 -11.98 -10.88 -20.88
CA ARG A 104 -13.21 -11.64 -20.73
C ARG A 104 -14.22 -11.31 -21.83
N HIS A 105 -14.24 -10.07 -22.32
CA HIS A 105 -15.05 -9.75 -23.50
C HIS A 105 -14.58 -10.50 -24.74
N ARG A 106 -13.28 -10.63 -24.93
CA ARG A 106 -12.76 -11.41 -26.06
C ARG A 106 -12.99 -12.90 -25.89
N ALA A 107 -12.99 -13.41 -24.65
CA ALA A 107 -13.27 -14.82 -24.43
C ALA A 107 -14.68 -15.19 -24.87
N ASP A 108 -15.65 -14.31 -24.58
CA ASP A 108 -17.02 -14.53 -25.04
C ASP A 108 -17.16 -14.37 -26.54
N ASN A 109 -16.26 -13.64 -27.21
CA ASN A 109 -16.34 -13.50 -28.64
C ASN A 109 -16.04 -14.81 -29.37
N GLU A 110 -15.08 -15.60 -28.87
CA GLU A 110 -14.72 -16.85 -29.51
C GLU A 110 -15.81 -17.91 -29.40
N VAL A 111 -16.81 -17.72 -28.54
CA VAL A 111 -17.94 -18.64 -28.44
C VAL A 111 -19.20 -18.04 -29.05
N ASN A 112 -19.39 -16.73 -28.94
CA ASN A 112 -20.55 -16.10 -29.57
C ASN A 112 -20.41 -16.08 -31.08
N LYS A 113 -19.24 -15.67 -31.59
CA LYS A 113 -19.03 -15.69 -33.03
C LYS A 113 -18.51 -17.06 -33.46
N SER A 114 -19.21 -18.12 -33.07
CA SER A 114 -18.91 -19.47 -33.48
C SER A 114 -19.60 -19.75 -34.81
N THR A 115 -19.67 -21.02 -35.20
CA THR A 115 -20.32 -21.42 -36.44
C THR A 115 -21.44 -22.42 -36.12
N VAL A 116 -22.66 -22.05 -36.51
CA VAL A 116 -23.82 -22.93 -36.38
C VAL A 116 -24.59 -22.87 -37.70
N TYR A 117 -25.25 -23.96 -38.06
CA TYR A 117 -26.03 -23.99 -39.28
C TYR A 117 -27.52 -23.93 -38.98
N ILE A 118 -28.22 -23.12 -39.75
CA ILE A 118 -29.64 -22.86 -39.52
C ILE A 118 -30.38 -23.03 -40.83
N ILE A 119 -31.47 -23.78 -40.79
CA ILE A 119 -32.29 -24.03 -41.99
C ILE A 119 -33.19 -22.81 -42.16
N GLU A 120 -32.69 -21.81 -42.89
CA GLU A 120 -33.41 -20.56 -43.03
C GLU A 120 -34.58 -20.71 -44.00
N ASN A 121 -34.29 -21.01 -45.27
CA ASN A 121 -35.34 -21.30 -46.25
C ASN A 121 -34.76 -22.19 -47.35
N ALA A 122 -34.98 -23.51 -47.19
CA ALA A 122 -34.51 -24.52 -48.14
C ALA A 122 -33.01 -24.38 -48.40
N LYS A 123 -32.24 -24.04 -47.37
CA LYS A 123 -30.82 -23.80 -47.54
C LYS A 123 -30.14 -23.95 -46.19
N ARG A 124 -28.91 -24.48 -46.20
CA ARG A 124 -28.13 -24.67 -44.98
C ARG A 124 -27.18 -23.48 -44.81
N VAL A 125 -27.76 -22.32 -44.54
CA VAL A 125 -26.93 -21.14 -44.30
C VAL A 125 -26.30 -21.24 -42.91
N ARG A 126 -25.01 -20.90 -42.84
CA ARG A 126 -24.26 -20.94 -41.59
C ARG A 126 -24.27 -19.54 -40.98
N LYS A 127 -24.78 -19.44 -39.77
CA LYS A 127 -24.75 -18.20 -39.01
C LYS A 127 -23.74 -18.33 -37.88
N GLU A 128 -23.65 -17.30 -37.04
CA GLU A 128 -22.86 -17.39 -35.82
C GLU A 128 -23.72 -17.91 -34.68
N SER A 129 -23.06 -18.40 -33.64
CA SER A 129 -23.79 -18.84 -32.46
C SER A 129 -24.44 -17.71 -31.73
N GLU A 130 -24.05 -16.48 -32.07
CA GLU A 130 -24.60 -15.28 -31.47
C GLU A 130 -25.81 -14.75 -32.23
N LYS A 131 -26.00 -15.14 -33.49
CA LYS A 131 -27.08 -14.63 -34.32
C LYS A 131 -28.23 -15.62 -34.45
N ILE A 132 -28.56 -16.33 -33.38
CA ILE A 132 -29.69 -17.25 -33.38
C ILE A 132 -30.87 -16.57 -32.69
N LYS A 133 -32.03 -16.60 -33.34
CA LYS A 133 -33.26 -16.04 -32.79
C LYS A 133 -34.18 -17.16 -32.36
N VAL A 134 -35.16 -16.83 -31.53
CA VAL A 134 -36.14 -17.81 -31.07
C VAL A 134 -37.02 -18.22 -32.24
N GLY A 135 -36.98 -19.50 -32.60
CA GLY A 135 -37.88 -20.02 -33.61
C GLY A 135 -37.25 -20.24 -34.97
N ASP A 136 -35.98 -20.65 -35.00
CA ASP A 136 -35.32 -21.04 -36.24
C ASP A 136 -34.82 -22.47 -36.11
N VAL A 137 -34.99 -23.25 -37.17
CA VAL A 137 -34.66 -24.67 -37.17
C VAL A 137 -33.15 -24.81 -37.26
N VAL A 138 -32.51 -25.10 -36.13
CA VAL A 138 -31.06 -25.29 -36.07
C VAL A 138 -30.76 -26.77 -36.34
N GLU A 139 -29.58 -27.05 -36.88
CA GLU A 139 -29.15 -28.41 -37.16
C GLU A 139 -27.85 -28.70 -36.44
N VAL A 140 -27.82 -29.81 -35.72
CA VAL A 140 -26.68 -30.20 -34.89
C VAL A 140 -26.21 -31.58 -35.32
N GLN A 141 -24.91 -31.70 -35.56
CA GLN A 141 -24.31 -32.96 -35.97
C GLN A 141 -23.80 -33.74 -34.76
N ALA A 142 -23.21 -34.90 -35.04
CA ALA A 142 -22.69 -35.76 -33.99
C ALA A 142 -21.54 -35.08 -33.25
N ASP A 143 -21.48 -35.31 -31.93
CA ASP A 143 -20.47 -34.78 -31.02
C ASP A 143 -20.55 -33.26 -30.90
N GLU A 144 -21.59 -32.62 -31.42
CA GLU A 144 -21.72 -31.17 -31.40
C GLU A 144 -22.65 -30.76 -30.27
N THR A 145 -22.21 -29.80 -29.47
CA THR A 145 -23.04 -29.26 -28.41
C THR A 145 -24.12 -28.35 -28.99
N PHE A 146 -25.30 -28.37 -28.36
CA PHE A 146 -26.40 -27.56 -28.89
C PHE A 146 -26.15 -26.08 -28.61
N PRO A 147 -26.32 -25.23 -29.62
CA PRO A 147 -26.05 -23.79 -29.42
C PRO A 147 -27.02 -23.12 -28.46
N CYS A 148 -28.25 -23.65 -28.38
CA CYS A 148 -29.26 -23.12 -27.47
C CYS A 148 -30.22 -24.24 -27.10
N ASP A 149 -31.27 -23.89 -26.35
CA ASP A 149 -32.27 -24.86 -25.92
C ASP A 149 -33.14 -25.21 -27.11
N LEU A 150 -32.79 -26.33 -27.75
CA LEU A 150 -33.52 -26.78 -28.92
C LEU A 150 -34.71 -27.65 -28.51
N ILE A 151 -35.67 -27.76 -29.41
CA ILE A 151 -36.76 -28.72 -29.27
C ILE A 151 -36.64 -29.71 -30.41
N LEU A 152 -36.40 -30.97 -30.09
CA LEU A 152 -36.16 -31.97 -31.11
C LEU A 152 -37.41 -32.18 -31.96
N LEU A 153 -37.39 -31.65 -33.17
CA LEU A 153 -38.48 -31.81 -34.11
C LEU A 153 -38.35 -33.05 -34.98
N SER A 154 -37.12 -33.42 -35.34
CA SER A 154 -36.92 -34.52 -36.26
C SER A 154 -35.48 -35.00 -36.14
N SER A 155 -35.31 -36.29 -36.36
CA SER A 155 -34.00 -36.90 -36.53
C SER A 155 -34.00 -37.63 -37.86
N CYS A 156 -32.83 -37.71 -38.49
CA CYS A 156 -32.73 -38.30 -39.82
C CYS A 156 -33.18 -39.76 -39.80
N THR A 157 -32.80 -40.50 -38.77
CA THR A 157 -33.23 -41.88 -38.65
C THR A 157 -34.71 -41.95 -38.27
N THR A 158 -35.24 -43.16 -38.29
CA THR A 158 -36.62 -43.39 -37.90
C THR A 158 -36.71 -43.40 -36.38
N ASP A 159 -37.94 -43.37 -35.86
CA ASP A 159 -38.30 -43.37 -34.45
C ASP A 159 -38.01 -42.02 -33.77
N GLY A 160 -37.32 -41.11 -34.45
CA GLY A 160 -37.08 -39.78 -33.91
C GLY A 160 -36.39 -39.77 -32.56
N THR A 161 -35.35 -40.57 -32.41
CA THR A 161 -34.65 -40.68 -31.13
C THR A 161 -33.21 -40.24 -31.29
N CYS A 162 -32.72 -39.48 -30.31
CA CYS A 162 -31.34 -39.05 -30.27
C CYS A 162 -30.80 -39.23 -28.86
N TYR A 163 -29.50 -39.44 -28.76
CA TYR A 163 -28.83 -39.68 -27.48
C TYR A 163 -28.02 -38.46 -27.10
N VAL A 164 -28.20 -37.98 -25.88
CA VAL A 164 -27.57 -36.75 -25.41
C VAL A 164 -26.86 -37.03 -24.09
N THR A 165 -25.61 -36.57 -24.00
CA THR A 165 -24.81 -36.69 -22.78
C THR A 165 -24.69 -35.32 -22.14
N THR A 166 -25.40 -35.13 -21.03
CA THR A 166 -25.33 -33.89 -20.26
C THR A 166 -24.30 -33.99 -19.13
N ALA A 167 -23.07 -34.39 -19.46
CA ALA A 167 -22.05 -34.55 -18.43
C ALA A 167 -21.58 -33.22 -17.88
N SER A 168 -21.84 -32.12 -18.57
CA SER A 168 -21.47 -30.79 -18.12
C SER A 168 -22.61 -30.04 -17.45
N LEU A 169 -23.85 -30.53 -17.58
CA LEU A 169 -25.01 -29.84 -17.05
C LEU A 169 -25.41 -30.35 -15.67
N ASP A 170 -25.34 -31.66 -15.44
CA ASP A 170 -25.70 -32.21 -14.13
C ASP A 170 -24.74 -33.30 -13.67
N GLY A 171 -23.61 -33.47 -14.37
CA GLY A 171 -22.58 -34.38 -13.94
C GLY A 171 -22.83 -35.84 -14.19
N GLU A 172 -23.96 -36.21 -14.80
CA GLU A 172 -24.23 -37.61 -15.11
C GLU A 172 -23.45 -38.04 -16.34
N SER A 173 -22.80 -39.20 -16.25
CA SER A 173 -21.98 -39.70 -17.35
C SER A 173 -22.74 -40.61 -18.31
N ASN A 174 -24.00 -40.92 -18.02
CA ASN A 174 -24.77 -41.80 -18.88
C ASN A 174 -25.35 -41.04 -20.06
N CYS A 175 -25.80 -41.79 -21.07
CA CYS A 175 -26.41 -41.22 -22.26
C CYS A 175 -27.93 -41.20 -22.09
N LYS A 176 -28.53 -40.03 -22.23
CA LYS A 176 -29.97 -39.89 -22.14
C LYS A 176 -30.59 -39.86 -23.54
N THR A 177 -31.74 -40.51 -23.67
CA THR A 177 -32.43 -40.62 -24.95
C THR A 177 -33.58 -39.63 -24.99
N HIS A 178 -33.60 -38.78 -26.01
CA HIS A 178 -34.64 -37.79 -26.20
C HIS A 178 -35.45 -38.10 -27.45
N TYR A 179 -36.73 -37.77 -27.39
CA TYR A 179 -37.68 -38.14 -28.41
C TYR A 179 -38.12 -36.91 -29.21
N ALA A 180 -38.30 -37.11 -30.51
CA ALA A 180 -38.74 -36.05 -31.39
C ALA A 180 -40.25 -35.88 -31.25
N VAL A 181 -40.83 -35.03 -32.09
CA VAL A 181 -42.27 -34.80 -32.12
C VAL A 181 -42.86 -35.81 -33.11
N ARG A 182 -43.91 -36.51 -32.68
CA ARG A 182 -44.47 -37.59 -33.50
C ARG A 182 -44.96 -37.10 -34.85
N ASP A 183 -45.39 -35.84 -34.94
CA ASP A 183 -45.93 -35.33 -36.19
C ASP A 183 -44.84 -35.02 -37.22
N THR A 184 -43.63 -34.66 -36.77
CA THR A 184 -42.59 -34.20 -37.68
C THR A 184 -41.36 -35.10 -37.68
N ILE A 185 -41.52 -36.39 -37.35
CA ILE A 185 -40.37 -37.29 -37.33
C ILE A 185 -39.81 -37.52 -38.72
N ALA A 186 -40.67 -37.45 -39.74
CA ALA A 186 -40.28 -37.80 -41.11
C ALA A 186 -39.88 -36.59 -41.93
N LEU A 187 -39.48 -35.50 -41.29
CA LEU A 187 -39.08 -34.28 -42.00
C LEU A 187 -37.57 -34.12 -41.90
N CYS A 188 -36.88 -34.30 -43.04
CA CYS A 188 -35.43 -34.19 -43.09
C CYS A 188 -35.05 -33.46 -44.38
N THR A 189 -33.76 -33.51 -44.71
CA THR A 189 -33.14 -33.00 -45.93
C THR A 189 -33.19 -31.47 -46.04
N ALA A 190 -33.61 -30.76 -44.99
CA ALA A 190 -33.59 -29.30 -44.95
C ALA A 190 -34.54 -28.68 -45.98
N GLU A 191 -35.28 -29.51 -46.71
CA GLU A 191 -36.26 -29.05 -47.68
C GLU A 191 -37.67 -29.18 -47.16
N SER A 192 -38.06 -30.35 -46.66
CA SER A 192 -39.38 -30.51 -46.07
C SER A 192 -39.54 -29.71 -44.79
N ILE A 193 -38.43 -29.30 -44.16
CA ILE A 193 -38.52 -28.45 -42.98
C ILE A 193 -39.12 -27.10 -43.33
N ASP A 194 -38.79 -26.56 -44.50
CA ASP A 194 -39.36 -25.30 -44.92
C ASP A 194 -40.87 -25.37 -45.05
N THR A 195 -41.41 -26.53 -45.44
CA THR A 195 -42.84 -26.72 -45.56
C THR A 195 -43.41 -27.33 -44.28
N LEU A 196 -43.18 -26.62 -43.17
CA LEU A 196 -43.67 -27.04 -41.86
C LEU A 196 -44.18 -25.81 -41.14
N ARG A 197 -45.47 -25.80 -40.81
CA ARG A 197 -46.12 -24.68 -40.15
C ARG A 197 -46.57 -25.14 -38.77
N ALA A 198 -45.95 -24.58 -37.73
CA ALA A 198 -46.29 -24.92 -36.36
C ALA A 198 -46.04 -23.73 -35.46
N ALA A 199 -46.69 -23.74 -34.29
CA ALA A 199 -46.51 -22.72 -33.27
C ALA A 199 -46.32 -23.41 -31.94
N ILE A 200 -45.26 -23.03 -31.22
CA ILE A 200 -44.93 -23.64 -29.94
C ILE A 200 -45.32 -22.68 -28.83
N GLU A 201 -46.25 -23.11 -27.98
CA GLU A 201 -46.65 -22.36 -26.80
C GLU A 201 -46.00 -22.99 -25.58
N CYS A 202 -44.76 -22.60 -25.30
CA CYS A 202 -44.00 -23.20 -24.21
C CYS A 202 -43.98 -22.26 -23.00
N GLU A 203 -43.56 -22.81 -21.87
CA GLU A 203 -43.52 -22.08 -20.61
C GLU A 203 -42.37 -21.09 -20.61
N GLN A 204 -42.53 -20.01 -19.84
CA GLN A 204 -41.43 -19.07 -19.65
C GLN A 204 -40.25 -19.79 -19.01
N PRO A 205 -39.01 -19.46 -19.38
CA PRO A 205 -37.85 -20.26 -18.95
C PRO A 205 -37.74 -20.35 -17.43
N GLN A 206 -37.37 -21.54 -16.97
CA GLN A 206 -37.16 -21.85 -15.57
C GLN A 206 -35.85 -22.60 -15.41
N PRO A 207 -35.21 -22.52 -14.25
CA PRO A 207 -33.91 -23.17 -14.05
C PRO A 207 -33.96 -24.59 -13.50
N ASP A 208 -35.12 -25.26 -13.53
CA ASP A 208 -35.21 -26.57 -12.88
C ASP A 208 -34.30 -27.59 -13.56
N LEU A 209 -34.21 -27.54 -14.89
CA LEU A 209 -33.39 -28.37 -15.76
C LEU A 209 -33.99 -29.75 -15.99
N TYR A 210 -35.15 -30.07 -15.41
CA TYR A 210 -35.74 -31.39 -15.58
C TYR A 210 -37.22 -31.39 -15.93
N LYS A 211 -37.91 -30.26 -15.83
CA LYS A 211 -39.30 -30.17 -16.22
C LYS A 211 -39.47 -29.15 -17.34
N PHE A 212 -40.51 -29.37 -18.15
CA PHE A 212 -40.80 -28.50 -19.28
C PHE A 212 -42.23 -28.78 -19.73
N VAL A 213 -43.01 -27.72 -19.89
CA VAL A 213 -44.39 -27.84 -20.38
C VAL A 213 -44.51 -26.99 -21.64
N GLY A 214 -45.17 -27.55 -22.66
CA GLY A 214 -45.31 -26.85 -23.92
C GLY A 214 -46.32 -27.52 -24.83
N ARG A 215 -46.52 -26.95 -26.02
CA ARG A 215 -47.51 -27.45 -26.97
C ARG A 215 -47.05 -27.13 -28.38
N ILE A 216 -47.36 -28.00 -29.32
CA ILE A 216 -47.16 -27.75 -30.75
C ILE A 216 -48.52 -27.74 -31.41
N ASN A 217 -48.71 -26.82 -32.35
CA ASN A 217 -49.98 -26.62 -33.04
C ASN A 217 -49.77 -26.68 -34.55
N ILE A 218 -49.13 -27.74 -35.01
CA ILE A 218 -48.85 -27.96 -36.43
C ILE A 218 -50.11 -27.75 -37.26
N TYR A 219 -50.04 -26.83 -38.22
CA TYR A 219 -51.15 -26.55 -39.13
C TYR A 219 -50.80 -27.03 -40.53
N SER A 220 -51.63 -27.91 -41.08
CA SER A 220 -51.46 -28.35 -42.45
C SER A 220 -52.12 -27.37 -43.42
N ASN A 221 -52.02 -27.69 -44.72
CA ASN A 221 -52.62 -26.83 -45.73
C ASN A 221 -54.14 -26.81 -45.61
N SER A 222 -54.75 -27.96 -45.38
CA SER A 222 -56.21 -28.05 -45.33
C SER A 222 -56.74 -27.89 -43.90
N LEU A 223 -56.38 -28.83 -43.02
CA LEU A 223 -56.82 -28.76 -41.63
C LEU A 223 -56.01 -29.69 -40.74
N GLU A 224 -55.42 -29.14 -39.67
CA GLU A 224 -54.73 -29.94 -38.67
C GLU A 224 -54.73 -29.16 -37.37
N ALA A 225 -55.63 -29.52 -36.45
CA ALA A 225 -55.69 -28.90 -35.13
C ALA A 225 -55.02 -29.75 -34.06
N VAL A 226 -53.97 -30.48 -34.44
CA VAL A 226 -53.31 -31.38 -33.50
C VAL A 226 -52.48 -30.56 -32.53
N ALA A 227 -52.69 -30.79 -31.24
CA ALA A 227 -51.95 -30.11 -30.17
C ALA A 227 -51.19 -31.18 -29.39
N ARG A 228 -49.99 -31.50 -29.84
CA ARG A 228 -49.16 -32.51 -29.19
C ARG A 228 -48.45 -31.86 -28.01
N SER A 229 -48.83 -32.27 -26.81
CA SER A 229 -48.22 -31.71 -25.61
C SER A 229 -46.75 -32.10 -25.52
N LEU A 230 -45.92 -31.14 -25.13
CA LEU A 230 -44.48 -31.35 -25.05
C LEU A 230 -44.09 -31.83 -23.66
N GLY A 231 -42.79 -32.01 -23.46
CA GLY A 231 -42.25 -32.44 -22.20
C GLY A 231 -40.74 -32.36 -22.19
N PRO A 232 -40.13 -32.68 -21.05
CA PRO A 232 -38.66 -32.65 -20.96
C PRO A 232 -37.96 -33.65 -21.87
N GLU A 233 -38.67 -34.67 -22.36
CA GLU A 233 -38.04 -35.67 -23.22
C GLU A 233 -37.85 -35.19 -24.65
N ASN A 234 -38.39 -34.02 -25.01
CA ASN A 234 -38.17 -33.43 -26.32
C ASN A 234 -37.18 -32.29 -26.30
N LEU A 235 -37.12 -31.53 -25.20
CA LEU A 235 -36.26 -30.36 -25.13
C LEU A 235 -34.80 -30.79 -25.05
N LEU A 236 -33.96 -30.18 -25.89
CA LEU A 236 -32.53 -30.43 -25.91
C LEU A 236 -31.84 -29.22 -25.30
N LEU A 237 -31.24 -29.41 -24.13
CA LEU A 237 -30.65 -28.31 -23.38
C LEU A 237 -29.39 -27.78 -24.03
N LYS A 238 -29.00 -26.55 -23.72
CA LYS A 238 -27.80 -25.95 -24.25
C LYS A 238 -26.63 -26.28 -23.33
N GLY A 239 -25.54 -26.77 -23.93
CA GLY A 239 -24.41 -27.22 -23.16
C GLY A 239 -24.31 -28.72 -23.02
N ALA A 240 -25.20 -29.47 -23.65
CA ALA A 240 -25.16 -30.93 -23.65
C ALA A 240 -24.84 -31.40 -25.06
N THR A 241 -23.79 -32.20 -25.18
CA THR A 241 -23.38 -32.69 -26.50
C THR A 241 -24.32 -33.79 -26.99
N LEU A 242 -24.38 -33.92 -28.31
CA LEU A 242 -25.23 -34.92 -28.96
C LEU A 242 -24.35 -36.07 -29.42
N LYS A 243 -24.71 -37.29 -29.03
CA LYS A 243 -23.88 -38.45 -29.30
C LYS A 243 -24.69 -39.53 -30.03
N ASN A 244 -23.99 -40.28 -30.88
CA ASN A 244 -24.53 -41.44 -31.58
C ASN A 244 -25.74 -41.08 -32.43
N THR A 245 -25.62 -39.95 -33.13
CA THR A 245 -26.63 -39.49 -34.08
C THR A 245 -25.97 -38.51 -35.04
N GLU A 246 -26.06 -38.81 -36.33
CA GLU A 246 -25.30 -38.04 -37.31
C GLU A 246 -25.75 -36.59 -37.37
N LYS A 247 -27.07 -36.34 -37.33
CA LYS A 247 -27.57 -34.97 -37.23
C LYS A 247 -29.00 -35.01 -36.73
N ILE A 248 -29.49 -33.85 -36.29
CA ILE A 248 -30.85 -33.65 -35.81
C ILE A 248 -31.40 -32.38 -36.44
N TYR A 249 -32.63 -32.02 -36.06
CA TYR A 249 -33.28 -30.79 -36.50
C TYR A 249 -34.12 -30.27 -35.34
N GLY A 250 -33.57 -29.30 -34.59
CA GLY A 250 -34.30 -28.68 -33.51
C GLY A 250 -34.67 -27.24 -33.80
N VAL A 251 -35.60 -26.72 -32.99
CA VAL A 251 -36.09 -25.35 -33.11
C VAL A 251 -35.75 -24.65 -31.80
N ALA A 252 -35.11 -23.49 -31.88
CA ALA A 252 -34.73 -22.74 -30.69
C ALA A 252 -35.95 -22.17 -30.00
N VAL A 253 -36.02 -22.37 -28.68
CA VAL A 253 -37.05 -21.77 -27.84
C VAL A 253 -36.44 -20.81 -26.82
N TYR A 254 -35.33 -21.18 -26.23
CA TYR A 254 -34.57 -20.32 -25.33
C TYR A 254 -33.23 -19.99 -25.96
N THR A 255 -32.82 -18.72 -25.88
CA THR A 255 -31.73 -18.20 -26.69
C THR A 255 -30.73 -17.41 -25.85
N GLY A 256 -30.24 -18.03 -24.78
CA GLY A 256 -29.14 -17.42 -24.05
C GLY A 256 -29.61 -16.42 -23.03
N MET A 257 -29.12 -16.55 -21.80
CA MET A 257 -29.54 -15.77 -20.64
C MET A 257 -30.98 -16.11 -20.26
N GLU A 258 -31.64 -16.94 -21.08
CA GLU A 258 -32.85 -17.64 -20.69
C GLU A 258 -32.73 -19.14 -20.84
N THR A 259 -31.62 -19.64 -21.38
CA THR A 259 -31.39 -21.08 -21.41
C THR A 259 -31.28 -21.61 -20.00
N LYS A 260 -31.73 -22.86 -19.81
CA LYS A 260 -31.72 -23.46 -18.48
C LYS A 260 -30.31 -23.54 -17.90
N MET A 261 -29.29 -23.70 -18.74
CA MET A 261 -27.92 -23.72 -18.23
C MET A 261 -27.52 -22.34 -17.71
N ALA A 262 -27.92 -21.28 -18.40
CA ALA A 262 -27.57 -19.92 -18.02
C ALA A 262 -28.46 -19.37 -16.90
N LEU A 263 -29.59 -20.00 -16.62
CA LEU A 263 -30.45 -19.57 -15.53
C LEU A 263 -30.02 -20.11 -14.18
N ASN A 264 -29.09 -21.06 -14.15
CA ASN A 264 -28.53 -21.59 -12.92
C ASN A 264 -27.32 -20.79 -12.46
N TYR A 265 -26.89 -19.80 -13.24
CA TYR A 265 -25.80 -18.92 -12.85
C TYR A 265 -26.32 -17.96 -11.79
N GLN A 266 -25.62 -17.89 -10.66
CA GLN A 266 -26.12 -17.15 -9.51
C GLN A 266 -25.97 -15.64 -9.65
N GLY A 267 -25.07 -15.17 -10.50
CA GLY A 267 -24.86 -13.75 -10.65
C GLY A 267 -23.53 -13.28 -10.12
N LYS A 268 -22.79 -12.54 -10.95
CA LYS A 268 -21.46 -12.10 -10.58
C LYS A 268 -21.51 -11.10 -9.42
N SER A 269 -20.50 -11.17 -8.56
CA SER A 269 -20.33 -10.20 -7.49
C SER A 269 -18.88 -9.74 -7.45
N GLN A 270 -18.53 -8.91 -6.47
CA GLN A 270 -17.18 -8.39 -6.33
C GLN A 270 -16.46 -9.22 -5.27
N LYS A 271 -15.30 -9.76 -5.64
CA LYS A 271 -14.50 -10.59 -4.74
C LYS A 271 -13.29 -9.80 -4.27
N ARG A 272 -13.10 -9.74 -2.95
CA ARG A 272 -11.95 -9.06 -2.36
C ARG A 272 -11.28 -10.00 -1.38
N SER A 273 -9.97 -10.15 -1.50
CA SER A 273 -9.23 -11.09 -0.67
C SER A 273 -9.15 -10.58 0.76
N ALA A 274 -8.70 -11.46 1.66
CA ALA A 274 -8.56 -11.12 3.07
C ALA A 274 -7.46 -10.09 3.32
N VAL A 275 -6.50 -9.95 2.42
CA VAL A 275 -5.50 -8.90 2.55
C VAL A 275 -6.10 -7.52 2.30
N GLU A 276 -6.96 -7.38 1.29
CA GLU A 276 -7.62 -6.10 1.05
C GLU A 276 -8.52 -5.70 2.21
N LYS A 277 -9.11 -6.66 2.91
CA LYS A 277 -9.88 -6.37 4.11
C LYS A 277 -9.01 -6.04 5.31
N SER A 278 -7.77 -6.55 5.35
CA SER A 278 -6.85 -6.19 6.42
C SER A 278 -6.31 -4.79 6.24
N ILE A 279 -6.13 -4.35 5.00
CA ILE A 279 -5.71 -2.98 4.75
C ILE A 279 -6.74 -1.99 5.27
N ASN A 280 -8.03 -2.27 5.06
CA ASN A 280 -9.09 -1.43 5.60
C ASN A 280 -9.11 -1.39 7.12
N ALA A 281 -8.79 -2.51 7.78
CA ALA A 281 -8.69 -2.53 9.23
C ALA A 281 -7.46 -1.78 9.73
N PHE A 282 -6.36 -1.81 8.98
CA PHE A 282 -5.18 -1.04 9.35
C PHE A 282 -5.42 0.45 9.17
N LEU A 283 -6.13 0.84 8.12
CA LEU A 283 -6.47 2.23 7.87
C LEU A 283 -7.38 2.82 8.93
N ILE A 284 -8.19 1.99 9.60
CA ILE A 284 -8.96 2.43 10.76
C ILE A 284 -8.07 2.77 11.94
N VAL A 285 -7.06 1.95 12.26
CA VAL A 285 -6.13 2.29 13.32
C VAL A 285 -5.29 3.51 12.97
N TYR A 286 -4.77 3.59 11.75
CA TYR A 286 -3.96 4.74 11.35
C TYR A 286 -4.78 6.00 11.10
N LEU A 287 -6.10 5.88 10.94
CA LEU A 287 -6.95 7.06 10.95
C LEU A 287 -7.15 7.62 12.35
N PHE A 288 -7.15 6.77 13.37
CA PHE A 288 -7.21 7.23 14.75
C PHE A 288 -5.91 7.85 15.21
N ILE A 289 -4.77 7.34 14.73
CA ILE A 289 -3.49 7.98 15.00
C ILE A 289 -3.41 9.37 14.39
N LEU A 290 -3.87 9.53 13.15
CA LEU A 290 -3.86 10.82 12.48
C LEU A 290 -4.77 11.85 13.13
N LEU A 291 -6.01 11.48 13.45
CA LEU A 291 -6.93 12.37 14.15
C LEU A 291 -6.49 12.67 15.57
N THR A 292 -5.74 11.77 16.21
CA THR A 292 -5.15 12.06 17.51
C THR A 292 -3.96 13.01 17.41
N LYS A 293 -3.09 12.83 16.41
CA LYS A 293 -2.00 13.77 16.20
C LYS A 293 -2.53 15.17 15.91
N ALA A 294 -3.51 15.27 15.01
CA ALA A 294 -4.05 16.57 14.63
C ALA A 294 -4.77 17.25 15.80
N ALA A 295 -5.48 16.50 16.64
CA ALA A 295 -6.13 17.07 17.80
C ALA A 295 -5.17 17.46 18.91
N VAL A 296 -4.18 16.60 19.21
CA VAL A 296 -3.17 16.94 20.21
C VAL A 296 -2.36 18.15 19.80
N CYS A 297 -1.95 18.25 18.53
CA CYS A 297 -1.24 19.42 18.06
C CYS A 297 -2.06 20.69 18.14
N THR A 298 -3.34 20.66 17.73
CA THR A 298 -4.19 21.85 17.80
C THR A 298 -4.48 22.29 19.22
N THR A 299 -4.82 21.35 20.12
CA THR A 299 -5.10 21.71 21.49
C THR A 299 -3.90 22.34 22.16
N LEU A 300 -2.70 21.79 21.93
CA LEU A 300 -1.49 22.35 22.49
C LEU A 300 -1.09 23.65 21.81
N LYS A 301 -1.35 23.79 20.51
CA LYS A 301 -1.08 25.04 19.82
C LYS A 301 -1.90 26.19 20.36
N TYR A 302 -3.19 25.97 20.66
CA TYR A 302 -4.03 27.04 21.15
C TYR A 302 -3.90 27.28 22.64
N VAL A 303 -3.13 26.47 23.36
CA VAL A 303 -2.75 26.86 24.72
C VAL A 303 -1.35 27.47 24.72
N TRP A 304 -0.52 27.13 23.72
CA TRP A 304 0.76 27.79 23.55
C TRP A 304 0.57 29.25 23.11
N GLN A 305 -0.34 29.46 22.16
CA GLN A 305 -0.62 30.80 21.66
C GLN A 305 -1.38 31.65 22.66
N SER A 306 -1.87 31.06 23.76
CA SER A 306 -2.57 31.85 24.77
C SER A 306 -1.69 32.92 25.39
N THR A 307 -0.38 32.69 25.44
CA THR A 307 0.55 33.71 25.90
C THR A 307 0.62 34.83 24.86
N PRO A 308 0.49 36.09 25.29
CA PRO A 308 0.46 37.20 24.31
C PRO A 308 1.71 37.29 23.46
N TYR A 309 2.88 36.95 23.98
CA TYR A 309 4.12 37.04 23.23
C TYR A 309 4.49 35.76 22.50
N ASN A 310 3.71 34.69 22.66
CA ASN A 310 3.92 33.48 21.91
C ASN A 310 3.35 33.55 20.50
N ASP A 311 2.32 34.34 20.28
CA ASP A 311 1.84 34.69 18.95
C ASP A 311 2.06 36.19 18.74
N GLU A 312 2.54 36.56 17.56
CA GLU A 312 2.96 37.92 17.26
C GLU A 312 4.04 38.38 18.23
N PRO A 313 5.25 37.79 18.15
CA PRO A 313 6.32 38.16 19.08
C PRO A 313 7.17 39.33 18.63
N TRP A 314 6.63 40.15 17.72
CA TRP A 314 7.17 41.35 17.09
C TRP A 314 8.21 41.06 16.01
N TYR A 315 8.72 39.83 15.88
CA TYR A 315 9.62 39.55 14.78
C TYR A 315 8.95 38.83 13.62
N ASN A 316 7.89 38.07 13.88
CA ASN A 316 6.95 37.65 12.84
C ASN A 316 5.56 38.06 13.29
N GLN A 317 4.96 38.98 12.57
CA GLN A 317 3.64 39.52 12.88
C GLN A 317 2.65 39.11 11.80
N LYS A 318 1.41 38.91 12.21
CA LYS A 318 0.36 38.50 11.28
C LYS A 318 -0.07 39.69 10.42
N THR A 319 -0.56 39.37 9.23
CA THR A 319 -1.17 40.38 8.38
C THR A 319 -2.54 40.76 8.94
N GLN A 320 -3.12 41.83 8.38
CA GLN A 320 -4.44 42.27 8.82
C GLN A 320 -5.49 41.22 8.53
N LYS A 321 -5.40 40.57 7.36
CA LYS A 321 -6.36 39.53 7.00
C LYS A 321 -6.32 38.37 7.99
N GLU A 322 -5.11 37.93 8.35
CA GLU A 322 -4.96 36.85 9.31
C GLU A 322 -5.35 37.28 10.72
N ARG A 323 -5.17 38.55 11.07
CA ARG A 323 -5.55 39.04 12.39
C ARG A 323 -7.05 39.17 12.56
N GLU A 324 -7.78 39.61 11.53
CA GLU A 324 -9.20 39.84 11.65
C GLU A 324 -10.05 38.61 11.39
N THR A 325 -9.44 37.48 11.03
CA THR A 325 -10.20 36.26 10.77
C THR A 325 -10.78 35.69 12.06
N LEU A 326 -11.82 34.88 11.91
CA LEU A 326 -12.52 34.33 13.06
C LEU A 326 -11.70 33.24 13.75
N LYS A 327 -11.67 33.29 15.08
CA LYS A 327 -10.89 32.32 15.83
C LYS A 327 -11.47 30.93 15.73
N VAL A 328 -12.80 30.80 15.75
CA VAL A 328 -13.44 29.49 15.61
C VAL A 328 -13.18 28.86 14.25
N LEU A 329 -13.15 29.65 13.18
CA LEU A 329 -12.75 29.15 11.87
C LEU A 329 -11.26 28.86 11.80
N LYS A 330 -10.43 29.62 12.51
CA LYS A 330 -9.00 29.32 12.60
C LYS A 330 -8.73 27.98 13.27
N MET A 331 -9.50 27.62 14.31
CA MET A 331 -9.32 26.29 14.90
C MET A 331 -9.56 25.18 13.88
N PHE A 332 -10.65 25.27 13.11
CA PHE A 332 -10.96 24.27 12.09
C PHE A 332 -9.89 24.24 11.00
N THR A 333 -9.46 25.41 10.54
CA THR A 333 -8.41 25.49 9.54
C THR A 333 -7.09 24.91 10.03
N ASP A 334 -6.71 25.19 11.28
CA ASP A 334 -5.49 24.64 11.86
C ASP A 334 -5.57 23.12 12.01
N PHE A 335 -6.72 22.62 12.45
CA PHE A 335 -6.90 21.16 12.56
C PHE A 335 -6.76 20.51 11.20
N LEU A 336 -7.40 21.08 10.18
CA LEU A 336 -7.28 20.54 8.84
C LEU A 336 -5.88 20.66 8.27
N SER A 337 -5.16 21.74 8.59
CA SER A 337 -3.77 21.90 8.19
C SER A 337 -2.85 20.88 8.84
N PHE A 338 -3.04 20.58 10.12
CA PHE A 338 -2.29 19.49 10.74
C PHE A 338 -2.63 18.16 10.09
N MET A 339 -3.89 17.95 9.72
CA MET A 339 -4.26 16.74 9.02
C MET A 339 -3.54 16.62 7.67
N VAL A 340 -3.45 17.72 6.93
CA VAL A 340 -2.70 17.72 5.68
C VAL A 340 -1.22 17.48 5.92
N LEU A 341 -0.65 18.08 6.97
CA LEU A 341 0.75 17.89 7.30
C LEU A 341 1.07 16.46 7.65
N PHE A 342 0.18 15.76 8.34
CA PHE A 342 0.39 14.37 8.74
C PHE A 342 -0.29 13.37 7.82
N ASN A 343 -0.83 13.80 6.68
CA ASN A 343 -1.62 12.92 5.84
C ASN A 343 -0.83 11.78 5.20
N PHE A 344 0.49 11.85 5.16
CA PHE A 344 1.27 10.76 4.56
C PHE A 344 1.19 9.47 5.37
N ILE A 345 0.69 9.54 6.60
CA ILE A 345 0.56 8.34 7.43
C ILE A 345 -0.42 7.36 6.79
N ILE A 346 -1.31 7.85 5.92
CA ILE A 346 -2.24 7.00 5.19
C ILE A 346 -1.79 6.94 3.74
N PRO A 347 -1.16 5.85 3.31
CA PRO A 347 -0.53 5.82 1.98
C PRO A 347 -1.55 5.55 0.89
N VAL A 348 -1.50 6.36 -0.17
CA VAL A 348 -2.23 6.11 -1.39
C VAL A 348 -1.31 5.58 -2.49
N SER A 349 -0.02 5.82 -2.37
CA SER A 349 0.95 5.19 -3.26
C SER A 349 1.04 3.69 -3.04
N MET A 350 0.49 3.18 -1.93
CA MET A 350 0.43 1.75 -1.67
C MET A 350 -0.52 1.02 -2.62
N TYR A 351 -1.64 1.64 -2.99
CA TYR A 351 -2.57 1.01 -3.92
C TYR A 351 -1.98 0.87 -5.33
N VAL A 352 -1.25 1.87 -5.81
CA VAL A 352 -0.59 1.75 -7.11
C VAL A 352 0.42 0.62 -7.13
N THR A 353 1.24 0.48 -6.09
CA THR A 353 2.13 -0.65 -5.96
C THR A 353 1.40 -1.98 -5.83
N VAL A 354 0.32 -2.02 -5.06
CA VAL A 354 -0.43 -3.26 -4.85
C VAL A 354 -1.01 -3.75 -6.16
N GLU A 355 -1.68 -2.87 -6.92
CA GLU A 355 -2.27 -3.29 -8.18
C GLU A 355 -1.23 -3.61 -9.23
N MET A 356 -0.13 -2.86 -9.29
CA MET A 356 0.93 -3.18 -10.23
C MET A 356 1.57 -4.54 -9.94
N GLN A 357 1.84 -4.84 -8.67
CA GLN A 357 2.39 -6.14 -8.32
C GLN A 357 1.38 -7.27 -8.46
N LYS A 358 0.09 -6.99 -8.27
CA LYS A 358 -0.93 -7.99 -8.57
C LYS A 358 -0.99 -8.31 -10.06
N PHE A 359 -0.92 -7.28 -10.90
CA PHE A 359 -0.98 -7.49 -12.34
C PHE A 359 0.27 -8.20 -12.85
N LEU A 360 1.45 -7.84 -12.36
CA LEU A 360 2.68 -8.44 -12.83
C LEU A 360 3.00 -9.77 -12.14
N GLY A 361 2.36 -10.07 -11.02
CA GLY A 361 2.60 -11.32 -10.33
C GLY A 361 1.68 -12.42 -10.80
N SER A 362 0.55 -12.03 -11.39
CA SER A 362 -0.37 -12.99 -12.00
C SER A 362 0.21 -13.66 -13.23
N PHE A 363 1.27 -13.08 -13.81
CA PHE A 363 1.89 -13.68 -14.99
C PHE A 363 2.71 -14.91 -14.64
N PHE A 364 3.11 -15.06 -13.37
CA PHE A 364 3.85 -16.24 -12.97
C PHE A 364 3.01 -17.51 -13.01
N ILE A 365 1.69 -17.39 -12.88
CA ILE A 365 0.81 -18.53 -13.05
C ILE A 365 0.67 -18.92 -14.52
N SER A 366 0.49 -17.94 -15.41
CA SER A 366 0.35 -18.22 -16.83
C SER A 366 1.65 -18.73 -17.44
N TRP A 367 2.79 -18.19 -17.01
CA TRP A 367 4.08 -18.58 -17.55
C TRP A 367 4.58 -19.91 -17.02
N ASP A 368 3.91 -20.47 -16.01
CA ASP A 368 4.37 -21.70 -15.40
C ASP A 368 4.29 -22.86 -16.38
N LYS A 369 5.36 -23.64 -16.47
CA LYS A 369 5.39 -24.82 -17.30
C LYS A 369 4.92 -26.07 -16.57
N ASP A 370 4.69 -25.98 -15.26
CA ASP A 370 4.09 -27.06 -14.50
C ASP A 370 2.58 -27.13 -14.66
N PHE A 371 1.98 -26.09 -15.25
CA PHE A 371 0.54 -26.04 -15.50
C PHE A 371 0.20 -26.34 -16.95
N TYR A 372 1.18 -26.78 -17.74
CA TYR A 372 0.98 -27.01 -19.17
C TYR A 372 0.49 -28.43 -19.39
N ASP A 373 -0.58 -28.57 -20.16
CA ASP A 373 -1.13 -29.87 -20.53
C ASP A 373 -0.81 -30.13 -22.00
N GLU A 374 -0.10 -31.22 -22.27
CA GLU A 374 0.32 -31.52 -23.64
C GLU A 374 -0.87 -31.89 -24.52
N GLU A 375 -1.79 -32.72 -24.01
CA GLU A 375 -2.88 -33.24 -24.81
C GLU A 375 -3.90 -32.18 -25.21
N ILE A 376 -3.96 -31.06 -24.49
CA ILE A 376 -4.83 -29.95 -24.89
C ILE A 376 -4.05 -28.70 -25.27
N ASN A 377 -2.75 -28.64 -25.02
CA ASN A 377 -1.85 -27.63 -25.58
C ASN A 377 -2.19 -26.22 -25.09
N GLU A 378 -2.29 -26.08 -23.78
CA GLU A 378 -2.38 -24.76 -23.15
C GLU A 378 -2.16 -24.93 -21.65
N GLY A 379 -1.79 -23.83 -21.01
CA GLY A 379 -1.48 -23.83 -19.59
C GLY A 379 -2.55 -23.21 -18.73
N ALA A 380 -2.15 -22.62 -17.62
CA ALA A 380 -3.11 -22.02 -16.69
C ALA A 380 -3.64 -20.70 -17.24
N LEU A 381 -4.78 -20.29 -16.71
CA LEU A 381 -5.43 -19.03 -17.09
C LEU A 381 -5.58 -18.16 -15.86
N VAL A 382 -5.50 -16.85 -16.07
CA VAL A 382 -5.69 -15.88 -15.00
C VAL A 382 -6.75 -14.87 -15.41
N ASN A 383 -7.99 -15.12 -15.00
CA ASN A 383 -9.07 -14.19 -15.34
C ASN A 383 -9.03 -12.94 -14.48
N THR A 384 -8.72 -13.07 -13.19
CA THR A 384 -8.62 -11.93 -12.28
C THR A 384 -7.31 -12.04 -11.52
N SER A 385 -6.59 -10.92 -11.42
CA SER A 385 -5.38 -10.84 -10.62
C SER A 385 -5.64 -10.25 -9.24
N ASP A 386 -6.89 -9.95 -8.90
CA ASP A 386 -7.23 -9.36 -7.62
C ASP A 386 -7.16 -10.35 -6.47
N LEU A 387 -7.13 -11.65 -6.74
CA LEU A 387 -7.19 -12.66 -5.69
C LEU A 387 -5.99 -13.58 -5.69
N ASN A 388 -4.81 -13.10 -6.11
CA ASN A 388 -3.62 -13.94 -6.10
C ASN A 388 -3.24 -14.34 -4.68
N GLU A 389 -3.38 -13.43 -3.73
CA GLU A 389 -2.90 -13.62 -2.37
C GLU A 389 -3.78 -14.54 -1.54
N GLU A 390 -5.04 -14.76 -1.90
CA GLU A 390 -5.92 -15.60 -1.12
C GLU A 390 -5.94 -17.04 -1.62
N LEU A 391 -5.14 -17.35 -2.64
CA LEU A 391 -4.87 -18.75 -2.95
C LEU A 391 -4.03 -19.42 -1.87
N GLY A 392 -3.31 -18.62 -1.08
CA GLY A 392 -2.53 -19.15 0.02
C GLY A 392 -3.24 -19.06 1.35
N GLN A 393 -4.55 -18.80 1.31
CA GLN A 393 -5.33 -18.66 2.53
C GLN A 393 -6.54 -19.60 2.56
N VAL A 394 -6.63 -20.52 1.61
CA VAL A 394 -7.80 -21.38 1.47
C VAL A 394 -7.94 -22.28 2.70
N ASP A 395 -9.17 -22.42 3.17
CA ASP A 395 -9.50 -23.29 4.30
C ASP A 395 -10.35 -24.48 3.91
N TYR A 396 -11.28 -24.30 2.96
CA TYR A 396 -12.14 -25.37 2.48
C TYR A 396 -11.98 -25.51 0.97
N VAL A 397 -12.05 -26.75 0.48
CA VAL A 397 -12.01 -27.03 -0.95
C VAL A 397 -13.29 -27.76 -1.31
N PHE A 398 -14.01 -27.26 -2.32
CA PHE A 398 -15.26 -27.84 -2.78
C PHE A 398 -15.05 -28.33 -4.21
N THR A 399 -14.99 -29.63 -4.33
CA THR A 399 -14.60 -30.16 -5.63
C THR A 399 -15.75 -30.83 -6.26
N BFD A 400 -15.86 -30.65 -7.55
CA BFD A 400 -16.84 -31.45 -8.28
C BFD A 400 -16.20 -32.82 -8.30
O BFD A 400 -15.18 -33.02 -7.70
CB BFD A 400 -16.95 -30.98 -9.71
CG BFD A 400 -18.06 -31.49 -10.60
OD1 BFD A 400 -19.13 -31.83 -10.07
OD2 BFD A 400 -17.86 -31.50 -11.84
BE BFD A 400 -19.84 -32.72 -11.20
F1 BFD A 400 -19.09 -32.44 -12.54
F2 BFD A 400 -21.30 -32.43 -11.19
F3 BFD A 400 -20.08 -34.10 -10.65
N LYS A 401 -16.73 -33.70 -9.05
CA LYS A 401 -16.33 -35.09 -9.20
C LYS A 401 -16.17 -35.49 -10.66
N THR A 402 -17.29 -35.49 -11.39
CA THR A 402 -17.29 -35.91 -12.79
C THR A 402 -16.53 -34.88 -13.63
N GLY A 403 -15.39 -35.27 -14.15
CA GLY A 403 -14.59 -34.37 -14.96
C GLY A 403 -13.46 -33.73 -14.18
N THR A 404 -13.72 -33.39 -12.92
CA THR A 404 -12.72 -32.81 -12.04
C THR A 404 -11.89 -33.85 -11.32
N LEU A 405 -12.53 -34.76 -10.59
CA LEU A 405 -11.82 -35.86 -9.94
C LEU A 405 -11.65 -37.06 -10.84
N THR A 406 -12.52 -37.25 -11.83
CA THR A 406 -12.43 -38.36 -12.75
C THR A 406 -12.21 -37.87 -14.18
N LYS A 642 -12.38 -43.88 -14.53
CA LYS A 642 -11.04 -43.78 -13.98
C LYS A 642 -10.82 -42.46 -13.26
N LEU A 643 -9.82 -42.41 -12.40
CA LEU A 643 -9.45 -41.15 -11.76
C LEU A 643 -8.51 -40.37 -12.66
N GLN A 644 -8.31 -39.09 -12.33
CA GLN A 644 -7.39 -38.25 -13.06
C GLN A 644 -5.95 -38.66 -12.73
N ASP A 645 -4.98 -37.92 -13.26
CA ASP A 645 -3.59 -38.35 -13.18
C ASP A 645 -3.12 -38.49 -11.74
N GLN A 646 -3.42 -37.49 -10.91
CA GLN A 646 -2.96 -37.48 -9.52
C GLN A 646 -4.09 -37.04 -8.61
N ALA A 647 -5.32 -37.46 -8.90
CA ALA A 647 -6.49 -37.01 -8.17
C ALA A 647 -6.56 -37.55 -6.75
N ALA A 648 -5.74 -38.54 -6.41
CA ALA A 648 -5.73 -39.11 -5.06
C ALA A 648 -4.58 -38.61 -4.20
N GLU A 649 -3.42 -38.37 -4.78
CA GLU A 649 -2.28 -37.85 -4.03
C GLU A 649 -2.24 -36.33 -3.98
N THR A 650 -3.08 -35.66 -4.78
CA THR A 650 -3.32 -34.23 -4.61
C THR A 650 -4.20 -33.96 -3.40
N ILE A 651 -5.22 -34.81 -3.18
CA ILE A 651 -6.05 -34.71 -1.99
C ILE A 651 -5.28 -34.97 -0.71
N GLU A 652 -4.31 -35.90 -0.73
CA GLU A 652 -3.44 -36.09 0.41
C GLU A 652 -2.62 -34.86 0.74
N ALA A 653 -2.10 -34.15 -0.26
CA ALA A 653 -1.40 -32.91 -0.02
C ALA A 653 -2.31 -31.83 0.55
N LEU A 654 -3.55 -31.74 0.06
CA LEU A 654 -4.52 -30.82 0.63
C LEU A 654 -4.84 -31.13 2.08
N HIS A 655 -4.99 -32.41 2.43
CA HIS A 655 -5.22 -32.80 3.82
C HIS A 655 -4.02 -32.57 4.71
N ALA A 656 -2.80 -32.77 4.19
CA ALA A 656 -1.60 -32.46 4.96
C ALA A 656 -1.44 -30.97 5.17
N ALA A 657 -1.88 -30.16 4.22
CA ALA A 657 -1.83 -28.71 4.34
C ALA A 657 -2.85 -28.17 5.34
N GLY A 658 -3.77 -29.01 5.81
CA GLY A 658 -4.80 -28.57 6.73
C GLY A 658 -6.12 -28.21 6.11
N LEU A 659 -6.29 -28.45 4.82
CA LEU A 659 -7.52 -28.10 4.13
C LEU A 659 -8.57 -29.18 4.34
N LYS A 660 -9.82 -28.81 4.06
CA LYS A 660 -10.97 -29.71 4.16
C LYS A 660 -11.55 -29.85 2.76
N VAL A 661 -11.69 -31.08 2.29
CA VAL A 661 -12.14 -31.35 0.93
C VAL A 661 -13.55 -31.91 1.00
N TRP A 662 -14.49 -31.22 0.34
CA TRP A 662 -15.86 -31.66 0.20
C TRP A 662 -16.12 -31.92 -1.27
N VAL A 663 -16.88 -32.98 -1.57
CA VAL A 663 -17.21 -33.34 -2.94
C VAL A 663 -18.67 -32.95 -3.16
N LEU A 664 -18.89 -31.98 -4.04
CA LEU A 664 -20.23 -31.58 -4.43
C LEU A 664 -20.44 -31.98 -5.88
N THR A 665 -21.33 -32.94 -6.12
CA THR A 665 -21.58 -33.45 -7.45
C THR A 665 -23.08 -33.52 -7.71
N GLY A 666 -23.43 -33.81 -8.96
CA GLY A 666 -24.82 -33.99 -9.33
C GLY A 666 -25.09 -35.37 -9.85
N ASP A 667 -24.16 -36.29 -9.59
CA ASP A 667 -24.26 -37.66 -10.07
C ASP A 667 -24.98 -38.53 -9.03
N LYS A 668 -25.09 -39.82 -9.32
CA LYS A 668 -25.76 -40.74 -8.42
C LYS A 668 -24.95 -40.93 -7.14
N MET A 669 -25.65 -41.26 -6.06
CA MET A 669 -25.01 -41.42 -4.76
C MET A 669 -24.04 -42.60 -4.76
N GLU A 670 -24.43 -43.72 -5.38
CA GLU A 670 -23.57 -44.89 -5.40
C GLU A 670 -22.31 -44.65 -6.23
N THR A 671 -22.47 -44.04 -7.41
CA THR A 671 -21.32 -43.71 -8.25
C THR A 671 -20.39 -42.73 -7.53
N ALA A 672 -20.96 -41.72 -6.90
CA ALA A 672 -20.15 -40.72 -6.20
C ALA A 672 -19.40 -41.35 -5.03
N LYS A 673 -20.06 -42.23 -4.28
CA LYS A 673 -19.39 -42.86 -3.13
C LYS A 673 -18.30 -43.81 -3.60
N SER A 674 -18.52 -44.53 -4.70
CA SER A 674 -17.46 -45.37 -5.25
C SER A 674 -16.26 -44.52 -5.67
N THR A 675 -16.52 -43.37 -6.30
CA THR A 675 -15.44 -42.46 -6.66
C THR A 675 -14.69 -41.92 -5.43
N CYS A 676 -15.40 -41.52 -4.39
CA CYS A 676 -14.75 -41.08 -3.15
C CYS A 676 -13.94 -42.16 -2.47
N TYR A 677 -14.38 -43.43 -2.58
CA TYR A 677 -13.56 -44.53 -2.10
C TYR A 677 -12.31 -44.69 -2.98
N ALA A 678 -12.47 -44.51 -4.29
CA ALA A 678 -11.36 -44.67 -5.22
C ALA A 678 -10.28 -43.62 -4.97
N CYS A 679 -10.68 -42.37 -4.75
CA CYS A 679 -9.72 -41.31 -4.48
C CYS A 679 -9.27 -41.29 -3.03
N ARG A 680 -9.58 -42.32 -2.25
CA ARG A 680 -9.11 -42.48 -0.88
C ARG A 680 -9.64 -41.37 0.04
N LEU A 681 -10.74 -40.74 -0.36
CA LEU A 681 -11.39 -39.77 0.51
C LEU A 681 -12.18 -40.46 1.62
N PHE A 682 -12.74 -41.64 1.33
CA PHE A 682 -13.41 -42.48 2.32
C PHE A 682 -12.57 -43.75 2.45
N GLN A 683 -11.81 -43.85 3.53
CA GLN A 683 -11.02 -45.04 3.76
C GLN A 683 -11.90 -46.19 4.24
N THR A 684 -11.28 -47.37 4.35
CA THR A 684 -12.02 -48.57 4.71
C THR A 684 -12.62 -48.45 6.11
N ASN A 685 -11.85 -47.92 7.06
CA ASN A 685 -12.31 -47.79 8.44
C ASN A 685 -12.97 -46.43 8.69
N THR A 686 -13.82 -46.06 7.74
CA THR A 686 -14.59 -44.81 7.82
C THR A 686 -16.06 -45.15 7.87
N GLU A 687 -16.72 -44.82 8.98
CA GLU A 687 -18.13 -45.08 9.13
C GLU A 687 -18.94 -44.00 8.43
N LEU A 688 -19.74 -44.38 7.45
CA LEU A 688 -20.51 -43.42 6.66
C LEU A 688 -21.81 -43.07 7.37
N LEU A 689 -22.08 -41.78 7.49
CA LEU A 689 -23.34 -41.28 8.05
C LEU A 689 -24.21 -40.84 6.88
N GLU A 690 -24.96 -41.79 6.33
CA GLU A 690 -25.77 -41.57 5.13
C GLU A 690 -27.03 -40.80 5.53
N LEU A 691 -27.16 -39.58 5.01
CA LEU A 691 -28.36 -38.78 5.20
C LEU A 691 -29.17 -38.63 3.92
N THR A 692 -29.05 -39.60 3.01
CA THR A 692 -29.66 -39.50 1.70
C THR A 692 -31.17 -39.70 1.79
N THR A 693 -31.82 -39.71 0.63
CA THR A 693 -33.26 -39.90 0.55
C THR A 693 -33.67 -41.36 0.73
N LYS A 694 -32.72 -42.29 0.75
CA LYS A 694 -33.03 -43.69 1.00
C LYS A 694 -33.58 -43.91 2.39
N THR A 695 -33.06 -43.21 3.40
CA THR A 695 -33.49 -43.38 4.78
C THR A 695 -34.33 -42.24 5.32
N ILE A 696 -34.61 -41.22 4.52
CA ILE A 696 -35.26 -40.01 5.03
C ILE A 696 -36.54 -39.78 4.23
N GLU A 697 -37.22 -40.86 3.87
CA GLU A 697 -38.44 -40.73 3.08
C GLU A 697 -39.60 -40.19 3.93
N GLU A 698 -39.40 -39.03 4.53
CA GLU A 698 -40.38 -38.35 5.39
C GLU A 698 -39.84 -36.97 5.78
N SER A 699 -40.60 -36.24 6.59
CA SER A 699 -40.16 -34.92 7.04
C SER A 699 -39.74 -34.91 8.51
N GLU A 700 -40.37 -35.73 9.34
CA GLU A 700 -40.07 -35.77 10.77
C GLU A 700 -38.96 -36.75 11.12
N ARG A 701 -38.72 -37.77 10.28
CA ARG A 701 -37.59 -38.66 10.51
C ARG A 701 -36.27 -37.93 10.37
N LYS A 702 -36.25 -36.81 9.66
CA LYS A 702 -35.03 -36.01 9.54
C LYS A 702 -34.54 -35.55 10.90
N GLU A 703 -35.46 -35.05 11.74
CA GLU A 703 -35.09 -34.65 13.09
C GLU A 703 -34.62 -35.83 13.92
N ASP A 704 -35.30 -36.97 13.78
CA ASP A 704 -35.02 -38.14 14.60
C ASP A 704 -33.61 -38.68 14.40
N ARG A 705 -32.96 -38.39 13.28
CA ARG A 705 -31.62 -38.90 13.02
C ARG A 705 -30.57 -37.82 12.82
N LEU A 706 -30.97 -36.58 12.52
CA LEU A 706 -30.01 -35.49 12.49
C LEU A 706 -29.42 -35.24 13.88
N HIS A 707 -30.28 -35.28 14.90
CA HIS A 707 -29.84 -35.16 16.28
C HIS A 707 -29.31 -36.47 16.83
N GLU A 708 -29.79 -37.61 16.32
CA GLU A 708 -29.30 -38.91 16.77
C GLU A 708 -27.85 -39.17 16.41
N LEU A 709 -27.43 -38.83 15.19
CA LEU A 709 -26.06 -39.10 14.77
C LEU A 709 -25.12 -37.93 15.05
N LEU A 710 -25.59 -36.90 15.76
CA LEU A 710 -24.72 -35.79 16.16
C LEU A 710 -24.55 -35.74 17.67
N ILE A 711 -25.64 -35.66 18.43
CA ILE A 711 -25.53 -35.59 19.89
C ILE A 711 -25.06 -36.91 20.49
N GLU A 712 -25.61 -38.04 20.03
CA GLU A 712 -25.35 -39.32 20.65
C GLU A 712 -24.36 -40.19 19.89
N TYR A 713 -24.05 -39.88 18.64
CA TYR A 713 -23.19 -40.71 17.81
C TYR A 713 -21.91 -40.02 17.38
N ARG A 714 -21.90 -38.70 17.28
CA ARG A 714 -20.74 -37.94 16.84
C ARG A 714 -19.95 -37.34 18.01
N LYS A 715 -20.66 -36.87 19.04
CA LYS A 715 -19.96 -36.41 20.24
C LYS A 715 -19.32 -37.59 20.98
N LYS A 716 -19.80 -38.80 20.73
CA LYS A 716 -19.28 -40.01 21.37
C LYS A 716 -18.13 -40.63 20.57
N LEU A 717 -17.40 -39.83 19.80
CA LEU A 717 -16.26 -40.33 19.02
C LEU A 717 -15.17 -40.89 19.92
N GLU A 734 -12.78 -40.84 16.70
CA GLU A 734 -11.73 -40.03 16.10
C GLU A 734 -12.30 -39.07 15.06
N HIS A 735 -11.50 -38.06 14.69
CA HIS A 735 -11.91 -37.08 13.71
C HIS A 735 -12.14 -37.72 12.36
N GLN A 736 -11.23 -38.62 11.96
CA GLN A 736 -11.27 -39.28 10.66
C GLN A 736 -12.27 -40.43 10.60
N GLU A 737 -12.86 -40.80 11.73
CA GLU A 737 -13.71 -41.99 11.76
C GLU A 737 -14.93 -41.86 10.86
N TYR A 738 -15.58 -40.70 10.87
CA TYR A 738 -16.90 -40.56 10.26
C TYR A 738 -16.81 -39.78 8.96
N GLY A 739 -17.74 -40.08 8.05
CA GLY A 739 -17.86 -39.37 6.79
C GLY A 739 -19.30 -39.20 6.38
N LEU A 740 -19.70 -37.97 6.07
CA LEU A 740 -21.10 -37.66 5.79
C LEU A 740 -21.43 -37.82 4.31
N ILE A 741 -22.63 -38.32 4.06
CA ILE A 741 -23.18 -38.42 2.71
C ILE A 741 -24.56 -37.78 2.73
N ILE A 742 -24.73 -36.72 1.94
CA ILE A 742 -25.97 -35.96 1.89
C ILE A 742 -26.47 -35.94 0.44
N ASP A 743 -27.78 -35.81 0.29
CA ASP A 743 -28.41 -35.76 -1.03
C ASP A 743 -28.89 -34.35 -1.33
N GLY A 744 -29.34 -34.12 -2.56
CA GLY A 744 -29.86 -32.81 -2.92
C GLY A 744 -31.27 -32.60 -2.44
N SER A 745 -32.07 -33.67 -2.41
CA SER A 745 -33.43 -33.56 -1.90
C SER A 745 -33.44 -33.41 -0.38
N THR A 746 -32.53 -34.10 0.30
CA THR A 746 -32.45 -34.00 1.76
C THR A 746 -31.89 -32.65 2.20
N LEU A 747 -30.94 -32.11 1.44
CA LEU A 747 -30.44 -30.77 1.73
C LEU A 747 -31.53 -29.72 1.61
N SER A 748 -32.45 -29.87 0.65
CA SER A 748 -33.62 -29.01 0.57
C SER A 748 -34.49 -29.10 1.82
N LEU A 749 -34.69 -30.30 2.35
CA LEU A 749 -35.44 -30.42 3.60
C LEU A 749 -34.70 -29.76 4.76
N ILE A 750 -33.38 -29.91 4.80
CA ILE A 750 -32.60 -29.30 5.87
C ILE A 750 -32.69 -27.77 5.81
N LEU A 751 -32.57 -27.18 4.62
CA LEU A 751 -32.50 -25.73 4.48
C LEU A 751 -33.88 -25.08 4.48
N ASN A 752 -34.77 -25.51 3.60
CA ASN A 752 -36.07 -24.87 3.45
C ASN A 752 -36.91 -25.02 4.71
N SER A 753 -36.90 -26.21 5.32
CA SER A 753 -37.77 -26.48 6.46
C SER A 753 -37.19 -25.98 7.78
N SER A 754 -36.05 -25.30 7.76
CA SER A 754 -35.41 -24.81 8.97
C SER A 754 -35.88 -23.41 9.37
N GLN A 755 -36.89 -22.89 8.67
CA GLN A 755 -37.42 -21.57 8.97
C GLN A 755 -38.43 -21.58 10.12
N ASP A 756 -38.76 -22.76 10.65
CA ASP A 756 -39.71 -22.89 11.75
C ASP A 756 -39.03 -23.26 13.06
N SER A 757 -38.20 -24.30 13.07
CA SER A 757 -37.51 -24.73 14.28
C SER A 757 -36.30 -23.84 14.52
N SER A 758 -36.40 -22.96 15.51
CA SER A 758 -35.29 -22.10 15.90
C SER A 758 -34.64 -22.53 17.20
N SER A 759 -35.33 -23.34 18.02
CA SER A 759 -34.72 -23.85 19.23
C SER A 759 -33.62 -24.85 18.91
N ASN A 760 -33.90 -25.79 18.02
CA ASN A 760 -32.91 -26.77 17.54
C ASN A 760 -32.95 -26.69 16.01
N ASN A 761 -32.18 -25.78 15.45
CA ASN A 761 -32.26 -25.52 14.01
C ASN A 761 -31.52 -26.59 13.22
N TYR A 762 -32.20 -27.10 12.19
CA TYR A 762 -31.68 -28.22 11.39
C TYR A 762 -30.38 -27.83 10.73
N LYS A 763 -30.28 -26.59 10.25
CA LYS A 763 -29.07 -26.14 9.58
C LYS A 763 -27.86 -26.18 10.50
N SER A 764 -28.01 -25.69 11.75
CA SER A 764 -26.89 -25.72 12.68
C SER A 764 -26.55 -27.15 13.08
N ILE A 765 -27.56 -27.99 13.30
CA ILE A 765 -27.27 -29.38 13.66
C ILE A 765 -26.51 -30.07 12.53
N PHE A 766 -26.94 -29.84 11.29
CA PHE A 766 -26.29 -30.44 10.13
C PHE A 766 -24.86 -29.91 9.97
N LEU A 767 -24.67 -28.61 10.18
CA LEU A 767 -23.36 -27.99 10.07
C LEU A 767 -22.40 -28.45 11.16
N GLN A 768 -22.88 -28.77 12.35
CA GLN A 768 -22.04 -29.37 13.39
C GLN A 768 -21.47 -30.72 12.98
N ILE A 769 -22.29 -31.59 12.39
CA ILE A 769 -21.79 -32.86 11.89
C ILE A 769 -20.88 -32.68 10.70
N CYS A 770 -21.16 -31.71 9.82
CA CYS A 770 -20.32 -31.48 8.65
C CYS A 770 -18.90 -31.13 9.04
N MET A 771 -18.73 -30.33 10.10
CA MET A 771 -17.41 -29.89 10.53
C MET A 771 -16.68 -30.94 11.37
N LYS A 772 -17.33 -32.04 11.74
CA LYS A 772 -16.72 -33.06 12.59
C LYS A 772 -16.36 -34.33 11.85
N CYS A 773 -16.63 -34.42 10.55
CA CYS A 773 -16.28 -35.60 9.77
C CYS A 773 -15.14 -35.26 8.80
N THR A 774 -14.38 -36.29 8.43
CA THR A 774 -13.20 -36.08 7.60
C THR A 774 -13.59 -35.57 6.21
N ALA A 775 -14.67 -36.10 5.65
CA ALA A 775 -15.10 -35.70 4.32
C ALA A 775 -16.61 -35.67 4.25
N VAL A 776 -17.14 -34.80 3.39
CA VAL A 776 -18.56 -34.68 3.13
C VAL A 776 -18.80 -34.87 1.65
N LEU A 777 -19.72 -35.76 1.32
CA LEU A 777 -20.10 -36.01 -0.07
C LEU A 777 -21.55 -35.58 -0.26
N CYS A 778 -21.77 -34.74 -1.26
CA CYS A 778 -23.11 -34.25 -1.58
C CYS A 778 -23.47 -34.71 -2.98
N CYS A 779 -24.54 -35.49 -3.10
CA CYS A 779 -24.94 -36.12 -4.34
C CYS A 779 -26.24 -35.50 -4.84
N ARG A 780 -26.47 -35.61 -6.15
CA ARG A 780 -27.71 -35.16 -6.79
C ARG A 780 -28.02 -33.71 -6.45
N MET A 781 -26.99 -32.86 -6.52
CA MET A 781 -27.10 -31.45 -6.16
C MET A 781 -27.36 -30.65 -7.43
N ALA A 782 -28.37 -29.79 -7.38
CA ALA A 782 -28.64 -28.83 -8.44
C ALA A 782 -27.52 -27.79 -8.45
N PRO A 783 -27.27 -27.10 -9.57
CA PRO A 783 -26.17 -26.14 -9.60
C PRO A 783 -26.30 -25.01 -8.59
N LEU A 784 -27.50 -24.71 -8.11
CA LEU A 784 -27.71 -23.65 -7.13
C LEU A 784 -27.66 -24.16 -5.69
N GLN A 785 -27.52 -25.47 -5.49
CA GLN A 785 -27.31 -26.01 -4.15
C GLN A 785 -25.84 -26.15 -3.78
N LYS A 786 -24.98 -26.44 -4.76
CA LYS A 786 -23.55 -26.40 -4.54
C LYS A 786 -23.05 -25.02 -4.16
N ALA A 787 -23.74 -23.96 -4.59
CA ALA A 787 -23.48 -22.62 -4.12
C ALA A 787 -24.03 -22.38 -2.72
N GLN A 788 -25.17 -22.96 -2.38
CA GLN A 788 -25.71 -22.84 -1.04
C GLN A 788 -24.81 -23.50 0.00
N ILE A 789 -24.19 -24.63 -0.34
CA ILE A 789 -23.26 -25.26 0.60
C ILE A 789 -22.07 -24.35 0.88
N VAL A 790 -21.50 -23.76 -0.17
CA VAL A 790 -20.40 -22.81 0.01
C VAL A 790 -20.85 -21.59 0.81
N ARG A 791 -22.07 -21.12 0.60
CA ARG A 791 -22.61 -20.01 1.38
C ARG A 791 -22.76 -20.35 2.85
N MET A 792 -23.24 -21.56 3.17
CA MET A 792 -23.29 -21.99 4.57
C MET A 792 -21.90 -22.06 5.17
N VAL A 793 -20.95 -22.63 4.44
CA VAL A 793 -19.58 -22.74 4.96
C VAL A 793 -18.93 -21.37 5.11
N LYS A 794 -19.19 -20.44 4.19
CA LYS A 794 -18.57 -19.13 4.22
C LYS A 794 -18.99 -18.29 5.43
N ASN A 795 -20.09 -18.64 6.09
CA ASN A 795 -20.66 -17.81 7.14
C ASN A 795 -20.43 -18.32 8.55
N LEU A 796 -19.93 -19.54 8.72
CA LEU A 796 -19.89 -20.14 10.04
C LEU A 796 -18.68 -19.65 10.83
N LYS A 797 -18.93 -19.19 12.06
CA LYS A 797 -17.93 -18.97 13.11
C LYS A 797 -16.62 -18.41 12.57
N GLY A 798 -16.72 -17.25 11.91
CA GLY A 798 -15.55 -16.60 11.40
C GLY A 798 -15.55 -16.42 9.89
N SER A 799 -14.38 -16.47 9.28
CA SER A 799 -14.24 -16.26 7.83
C SER A 799 -13.41 -17.39 7.23
N PRO A 800 -13.99 -18.58 7.06
CA PRO A 800 -13.29 -19.65 6.34
C PRO A 800 -13.16 -19.31 4.87
N ILE A 801 -11.93 -19.29 4.35
CA ILE A 801 -11.73 -19.03 2.92
C ILE A 801 -12.01 -20.33 2.16
N THR A 802 -12.94 -20.25 1.21
CA THR A 802 -13.42 -21.42 0.50
C THR A 802 -12.96 -21.39 -0.95
N LEU A 803 -12.64 -22.57 -1.47
CA LEU A 803 -12.26 -22.75 -2.87
C LEU A 803 -13.20 -23.75 -3.52
N SER A 804 -13.59 -23.45 -4.76
CA SER A 804 -14.42 -24.37 -5.53
C SER A 804 -13.74 -24.60 -6.87
N ILE A 805 -13.60 -25.86 -7.25
CA ILE A 805 -12.91 -26.25 -8.48
C ILE A 805 -13.85 -27.18 -9.24
N GLY A 806 -14.18 -26.82 -10.48
CA GLY A 806 -15.08 -27.59 -11.30
C GLY A 806 -14.73 -27.50 -12.77
N ASP A 807 -15.45 -28.30 -13.56
CA ASP A 807 -15.20 -28.35 -15.00
C ASP A 807 -16.44 -28.13 -15.85
N GLY A 808 -17.65 -28.22 -15.30
CA GLY A 808 -18.84 -28.09 -16.10
C GLY A 808 -19.62 -26.82 -15.84
N ALA A 809 -20.81 -26.72 -16.42
CA ALA A 809 -21.66 -25.55 -16.24
C ALA A 809 -22.43 -25.58 -14.93
N ASN A 810 -22.48 -26.72 -14.25
CA ASN A 810 -23.14 -26.79 -12.95
C ASN A 810 -22.24 -26.35 -11.80
N ASP A 811 -20.94 -26.17 -12.05
CA ASP A 811 -20.01 -25.68 -11.04
C ASP A 811 -19.83 -24.17 -11.12
N VAL A 812 -20.47 -23.52 -12.08
CA VAL A 812 -20.31 -22.08 -12.25
C VAL A 812 -20.86 -21.28 -11.07
N SER A 813 -22.03 -21.63 -10.56
CA SER A 813 -22.63 -20.90 -9.44
C SER A 813 -21.79 -21.00 -8.18
N MET A 814 -21.24 -22.18 -7.88
CA MET A 814 -20.37 -22.34 -6.72
C MET A 814 -18.97 -21.80 -6.95
N ILE A 815 -18.64 -21.48 -8.20
CA ILE A 815 -17.35 -20.86 -8.53
C ILE A 815 -17.47 -19.35 -8.30
N LEU A 816 -18.62 -18.79 -8.68
CA LEU A 816 -18.91 -17.39 -8.41
C LEU A 816 -19.27 -17.11 -6.96
N GLU A 817 -19.48 -18.15 -6.16
CA GLU A 817 -19.87 -17.99 -4.77
C GLU A 817 -18.72 -18.08 -3.80
N SER A 818 -17.71 -18.91 -4.07
CA SER A 818 -16.58 -19.08 -3.18
C SER A 818 -15.70 -17.85 -3.16
N HIS A 819 -14.76 -17.81 -2.22
CA HIS A 819 -13.82 -16.69 -2.15
C HIS A 819 -12.93 -16.65 -3.38
N VAL A 820 -12.42 -17.80 -3.82
CA VAL A 820 -11.66 -17.93 -5.04
C VAL A 820 -12.17 -19.16 -5.78
N GLY A 821 -12.49 -19.02 -7.05
CA GLY A 821 -13.04 -20.12 -7.83
C GLY A 821 -12.12 -20.57 -8.95
N ILE A 822 -11.75 -21.85 -8.93
CA ILE A 822 -10.87 -22.42 -9.95
C ILE A 822 -11.72 -23.20 -10.94
N GLY A 823 -11.32 -23.16 -12.20
CA GLY A 823 -11.99 -23.91 -13.24
C GLY A 823 -11.06 -24.91 -13.88
N ILE A 824 -11.65 -25.97 -14.42
CA ILE A 824 -10.90 -27.03 -15.08
C ILE A 824 -11.17 -26.94 -16.57
N LYS A 825 -10.10 -26.88 -17.36
CA LYS A 825 -10.22 -26.82 -18.82
C LYS A 825 -10.34 -28.24 -19.34
N GLY A 826 -11.50 -28.84 -19.10
CA GLY A 826 -11.78 -30.20 -19.48
C GLY A 826 -12.39 -30.32 -20.85
N LYS A 827 -12.80 -31.55 -21.19
CA LYS A 827 -13.37 -31.85 -22.49
C LYS A 827 -14.86 -31.52 -22.57
N GLU A 828 -15.51 -31.32 -21.42
CA GLU A 828 -16.94 -31.05 -21.42
C GLU A 828 -17.25 -29.68 -22.01
N GLY A 829 -16.54 -28.66 -21.54
CA GLY A 829 -16.75 -27.31 -22.02
C GLY A 829 -15.88 -26.33 -21.28
N ARG A 830 -16.01 -25.06 -21.65
CA ARG A 830 -15.25 -23.98 -21.03
C ARG A 830 -16.15 -22.99 -20.32
N GLN A 831 -17.33 -23.44 -19.88
CA GLN A 831 -18.23 -22.57 -19.13
C GLN A 831 -17.70 -22.24 -17.74
N ALA A 832 -17.02 -23.18 -17.09
CA ALA A 832 -16.43 -22.94 -15.78
C ALA A 832 -15.05 -22.32 -15.86
N ALA A 833 -14.41 -22.33 -17.03
CA ALA A 833 -13.12 -21.69 -17.21
C ALA A 833 -13.26 -20.22 -17.60
N ARG A 834 -14.48 -19.75 -17.85
CA ARG A 834 -14.73 -18.36 -18.16
C ARG A 834 -15.31 -17.57 -17.01
N ASN A 835 -16.03 -18.22 -16.10
CA ASN A 835 -16.59 -17.56 -14.93
C ASN A 835 -15.73 -17.72 -13.69
N SER A 836 -14.54 -18.32 -13.83
CA SER A 836 -13.66 -18.55 -12.71
C SER A 836 -12.63 -17.42 -12.62
N ASP A 837 -11.80 -17.49 -11.58
CA ASP A 837 -10.68 -16.57 -11.40
C ASP A 837 -9.41 -17.11 -12.01
N TYR A 838 -9.14 -18.40 -11.86
CA TYR A 838 -8.03 -19.08 -12.49
C TYR A 838 -8.53 -20.39 -13.07
N SER A 839 -7.80 -20.91 -14.06
CA SER A 839 -8.22 -22.13 -14.74
C SER A 839 -6.99 -22.96 -15.05
N VAL A 840 -6.80 -24.05 -14.31
CA VAL A 840 -5.71 -24.98 -14.56
C VAL A 840 -6.27 -26.15 -15.35
N PRO A 841 -5.56 -26.66 -16.36
CA PRO A 841 -6.13 -27.72 -17.18
C PRO A 841 -5.94 -29.11 -16.61
N LYS A 842 -6.12 -29.27 -15.30
CA LYS A 842 -5.96 -30.52 -14.57
C LYS A 842 -6.34 -30.27 -13.12
N PHE A 843 -6.77 -31.33 -12.44
CA PHE A 843 -7.05 -31.22 -11.01
C PHE A 843 -5.77 -31.22 -10.19
N LYS A 844 -4.74 -31.95 -10.64
CA LYS A 844 -3.51 -32.07 -9.88
C LYS A 844 -2.70 -30.77 -9.88
N HIS A 845 -3.02 -29.84 -10.77
CA HIS A 845 -2.34 -28.55 -10.78
C HIS A 845 -2.74 -27.65 -9.62
N LEU A 846 -3.82 -28.00 -8.91
CA LEU A 846 -4.23 -27.27 -7.72
C LEU A 846 -3.20 -27.36 -6.60
N LYS A 847 -2.50 -28.48 -6.48
CA LYS A 847 -1.45 -28.60 -5.46
C LYS A 847 -0.39 -27.54 -5.62
N LYS A 848 0.19 -27.40 -6.81
CA LYS A 848 1.17 -26.37 -7.06
C LYS A 848 0.57 -24.97 -7.09
N LEU A 849 -0.67 -24.82 -7.55
CA LEU A 849 -1.32 -23.52 -7.57
C LEU A 849 -1.53 -22.95 -6.17
N LEU A 850 -1.89 -23.79 -5.20
CA LEU A 850 -2.12 -23.31 -3.84
C LEU A 850 -0.84 -23.35 -3.00
N LEU A 851 -0.19 -24.52 -2.94
CA LEU A 851 0.92 -24.70 -2.02
C LEU A 851 2.12 -23.83 -2.38
N ALA A 852 2.43 -23.71 -3.66
CA ALA A 852 3.61 -22.98 -4.10
C ALA A 852 3.32 -21.55 -4.51
N HIS A 853 2.27 -21.31 -5.29
CA HIS A 853 1.97 -19.98 -5.79
C HIS A 853 1.21 -19.12 -4.79
N GLY A 854 0.17 -19.65 -4.16
CA GLY A 854 -0.59 -18.91 -3.19
C GLY A 854 0.19 -18.53 -1.96
N HIS A 855 1.06 -19.44 -1.50
CA HIS A 855 1.90 -19.15 -0.35
C HIS A 855 2.81 -17.95 -0.58
N LEU A 856 3.55 -17.95 -1.69
CA LEU A 856 4.40 -16.80 -2.03
C LEU A 856 3.58 -15.56 -2.28
N TYR A 857 2.44 -15.70 -2.97
CA TYR A 857 1.59 -14.56 -3.26
C TYR A 857 1.10 -13.87 -1.99
N TYR A 858 0.69 -14.65 -0.99
CA TYR A 858 0.25 -14.06 0.26
C TYR A 858 1.42 -13.48 1.05
N VAL A 859 2.53 -14.22 1.12
CA VAL A 859 3.66 -13.77 1.90
C VAL A 859 4.24 -12.46 1.40
N ARG A 860 4.32 -12.29 0.08
CA ARG A 860 4.84 -11.06 -0.50
C ARG A 860 3.96 -9.86 -0.18
N ILE A 861 2.66 -9.95 -0.45
CA ILE A 861 1.77 -8.82 -0.23
C ILE A 861 1.52 -8.50 1.24
N ALA A 862 1.48 -9.51 2.12
CA ALA A 862 1.34 -9.25 3.54
C ALA A 862 2.54 -8.51 4.10
N HIS A 863 3.75 -8.85 3.67
CA HIS A 863 4.92 -8.08 4.01
C HIS A 863 4.90 -6.67 3.40
N LEU A 864 4.46 -6.55 2.15
CA LEU A 864 4.40 -5.24 1.50
C LEU A 864 3.46 -4.28 2.20
N VAL A 865 2.26 -4.70 2.57
CA VAL A 865 1.33 -3.79 3.23
C VAL A 865 1.80 -3.40 4.63
N GLN A 866 2.43 -4.31 5.37
CA GLN A 866 2.99 -3.96 6.66
C GLN A 866 4.13 -2.96 6.52
N TYR A 867 5.04 -3.22 5.57
CA TYR A 867 6.16 -2.35 5.31
C TYR A 867 5.73 -0.96 4.85
N PHE A 868 4.66 -0.86 4.07
CA PHE A 868 4.18 0.43 3.62
C PHE A 868 3.68 1.31 4.76
N PHE A 869 3.01 0.74 5.75
CA PHE A 869 2.58 1.50 6.92
C PHE A 869 3.76 1.83 7.84
N TYR A 870 4.68 0.89 8.02
CA TYR A 870 5.87 1.14 8.81
C TYR A 870 6.70 2.28 8.21
N LYS A 871 6.86 2.26 6.89
CA LYS A 871 7.60 3.25 6.13
C LYS A 871 7.09 4.66 6.37
N ASN A 872 5.76 4.83 6.29
CA ASN A 872 5.13 6.13 6.44
C ASN A 872 5.04 6.59 7.89
N LEU A 873 4.84 5.68 8.84
CA LEU A 873 4.89 6.08 10.24
C LEU A 873 6.29 6.55 10.65
N CYS A 874 7.35 5.84 10.23
CA CYS A 874 8.69 6.33 10.46
C CYS A 874 8.94 7.67 9.77
N PHE A 875 8.25 7.94 8.67
CA PHE A 875 8.42 9.19 7.94
C PHE A 875 7.75 10.35 8.64
N ILE A 876 6.59 10.11 9.25
CA ILE A 876 5.77 11.19 9.80
C ILE A 876 6.00 11.43 11.29
N LEU A 877 6.39 10.42 12.05
CA LEU A 877 6.54 10.63 13.49
C LEU A 877 7.56 11.72 13.85
N PRO A 878 8.75 11.77 13.23
CA PRO A 878 9.67 12.88 13.51
C PRO A 878 9.10 14.24 13.13
N GLN A 879 8.26 14.31 12.10
CA GLN A 879 7.60 15.57 11.73
C GLN A 879 6.52 15.98 12.71
N PHE A 880 5.86 15.03 13.38
CA PHE A 880 4.94 15.35 14.45
C PHE A 880 5.65 15.75 15.73
N LEU A 881 6.79 15.12 16.03
CA LEU A 881 7.57 15.52 17.20
C LEU A 881 8.22 16.89 17.01
N TYR A 882 8.30 17.39 15.77
CA TYR A 882 8.88 18.70 15.53
C TYR A 882 7.96 19.82 15.99
N GLN A 883 6.64 19.57 16.00
CA GLN A 883 5.70 20.61 16.39
C GLN A 883 5.91 21.08 17.82
N PHE A 884 6.34 20.19 18.71
CA PHE A 884 6.59 20.57 20.09
C PHE A 884 7.78 21.51 20.22
N PHE A 885 8.71 21.48 19.27
CA PHE A 885 9.86 22.36 19.28
C PHE A 885 9.74 23.50 18.28
N CYS A 886 8.81 23.42 17.35
CA CYS A 886 8.36 24.57 16.59
C CYS A 886 7.34 25.31 17.45
N GLY A 887 6.66 26.29 16.89
CA GLY A 887 5.62 26.96 17.65
C GLY A 887 4.27 26.29 17.48
N PHE A 888 4.28 24.97 17.30
CA PHE A 888 3.08 24.21 16.95
C PHE A 888 2.43 24.78 15.69
N SER A 889 3.26 25.26 14.76
CA SER A 889 2.80 26.02 13.62
C SER A 889 2.75 25.22 12.33
N GLN A 890 2.60 23.90 12.43
CA GLN A 890 2.55 22.98 11.29
C GLN A 890 3.58 23.34 10.21
N GLN A 891 4.82 23.54 10.68
CA GLN A 891 5.95 23.75 9.80
C GLN A 891 6.57 22.42 9.46
N PRO A 892 6.65 22.04 8.18
CA PRO A 892 7.21 20.73 7.84
C PRO A 892 8.67 20.62 8.24
N LEU A 893 9.04 19.43 8.74
CA LEU A 893 10.43 19.19 9.10
C LEU A 893 11.30 18.98 7.87
N TYR A 894 10.77 18.28 6.86
CA TYR A 894 11.51 18.01 5.65
C TYR A 894 11.14 18.99 4.55
N ASP A 895 11.98 19.04 3.51
CA ASP A 895 11.73 19.90 2.36
C ASP A 895 10.56 19.37 1.54
N ALA A 896 9.95 20.23 0.74
CA ALA A 896 8.89 19.80 -0.16
C ALA A 896 9.41 18.87 -1.24
N ALA A 897 10.69 18.96 -1.60
CA ALA A 897 11.30 18.04 -2.54
C ALA A 897 11.55 16.67 -1.95
N TYR A 898 11.64 16.56 -0.62
CA TYR A 898 11.80 15.26 0.03
C TYR A 898 10.46 14.62 0.34
N LEU A 899 9.48 15.42 0.78
CA LEU A 899 8.19 14.88 1.19
C LEU A 899 7.50 14.13 0.06
N THR A 900 7.50 14.71 -1.15
CA THR A 900 6.83 14.07 -2.27
C THR A 900 7.66 12.93 -2.85
N MET A 901 8.98 13.07 -2.88
CA MET A 901 9.83 12.06 -3.51
C MET A 901 10.12 10.86 -2.62
N TYR A 902 9.85 10.94 -1.32
CA TYR A 902 10.14 9.82 -0.42
C TYR A 902 9.37 8.56 -0.83
N ASN A 903 8.09 8.72 -1.16
CA ASN A 903 7.24 7.57 -1.42
C ASN A 903 7.32 7.08 -2.86
N ILE A 904 7.80 7.89 -3.80
CA ILE A 904 7.74 7.55 -5.21
C ILE A 904 9.13 7.29 -5.79
N CYS A 905 10.19 7.79 -5.16
CA CYS A 905 11.54 7.63 -5.67
C CYS A 905 12.46 6.87 -4.72
N PHE A 906 12.55 7.30 -3.46
CA PHE A 906 13.56 6.75 -2.56
C PHE A 906 13.15 5.39 -1.99
N THR A 907 11.86 5.09 -1.91
CA THR A 907 11.40 3.88 -1.24
C THR A 907 10.33 3.14 -2.04
N SER A 908 10.20 3.42 -3.34
CA SER A 908 9.15 2.81 -4.13
C SER A 908 9.58 1.51 -4.80
N LEU A 909 10.82 1.45 -5.28
CA LEU A 909 11.30 0.29 -6.04
C LEU A 909 11.70 -0.90 -5.18
N PRO A 910 12.42 -0.71 -4.06
CA PRO A 910 12.83 -1.90 -3.27
C PRO A 910 11.68 -2.79 -2.83
N ILE A 911 10.54 -2.22 -2.44
CA ILE A 911 9.41 -3.03 -2.02
C ILE A 911 8.65 -3.61 -3.22
N LEU A 912 8.67 -2.92 -4.35
CA LEU A 912 8.03 -3.45 -5.56
C LEU A 912 8.74 -4.72 -6.02
N ALA A 913 10.07 -4.70 -6.04
CA ALA A 913 10.84 -5.85 -6.50
C ALA A 913 10.83 -6.98 -5.50
N TYR A 914 10.73 -6.70 -4.20
CA TYR A 914 10.65 -7.75 -3.19
C TYR A 914 9.37 -8.55 -3.33
N SER A 915 8.22 -7.87 -3.36
CA SER A 915 6.89 -8.45 -3.41
C SER A 915 6.56 -9.04 -4.74
N LEU A 916 7.46 -8.94 -5.70
CA LEU A 916 7.27 -9.54 -7.01
C LEU A 916 8.07 -10.81 -7.21
N LEU A 917 9.31 -10.85 -6.76
CA LEU A 917 10.18 -11.99 -7.02
C LEU A 917 11.01 -12.35 -5.80
N GLU A 918 10.44 -12.29 -4.60
CA GLU A 918 11.12 -12.74 -3.40
C GLU A 918 10.48 -14.02 -2.90
N GLN A 919 11.32 -15.03 -2.63
CA GLN A 919 10.88 -16.32 -2.11
C GLN A 919 11.53 -16.55 -0.76
N HIS A 920 10.77 -16.36 0.31
CA HIS A 920 11.23 -16.68 1.66
C HIS A 920 11.51 -18.17 1.84
N ILE A 921 10.77 -19.02 1.13
CA ILE A 921 11.04 -20.46 1.06
C ILE A 921 11.12 -20.80 -0.42
N ASN A 922 12.12 -21.61 -0.79
CA ASN A 922 12.34 -21.91 -2.19
C ASN A 922 11.12 -22.59 -2.80
N ILE A 923 10.84 -22.26 -4.06
CA ILE A 923 9.61 -22.65 -4.72
C ILE A 923 9.55 -24.17 -4.91
N ASP A 924 10.70 -24.83 -4.81
CA ASP A 924 10.77 -26.28 -4.98
C ASP A 924 10.72 -27.05 -3.67
N THR A 925 10.71 -26.37 -2.53
CA THR A 925 10.71 -27.05 -1.23
C THR A 925 9.41 -26.89 -0.47
N LEU A 926 8.55 -25.94 -0.85
CA LEU A 926 7.23 -25.85 -0.23
C LEU A 926 6.16 -26.52 -1.07
N THR A 927 6.46 -26.86 -2.33
CA THR A 927 5.61 -27.76 -3.09
C THR A 927 5.79 -29.21 -2.64
N SER A 928 7.02 -29.58 -2.29
CA SER A 928 7.29 -30.93 -1.78
C SER A 928 6.72 -31.10 -0.39
N ASP A 929 6.90 -30.10 0.48
CA ASP A 929 6.37 -30.15 1.84
C ASP A 929 5.06 -29.35 1.92
N PRO A 930 3.93 -30.02 2.11
CA PRO A 930 2.64 -29.31 2.17
C PRO A 930 2.26 -28.78 3.54
N ARG A 931 2.98 -29.12 4.60
CA ARG A 931 2.64 -28.67 5.95
C ARG A 931 3.07 -27.24 6.23
N LEU A 932 3.83 -26.62 5.32
CA LEU A 932 4.17 -25.21 5.47
C LEU A 932 3.00 -24.30 5.12
N TYR A 933 1.93 -24.84 4.53
CA TYR A 933 0.78 -24.03 4.15
C TYR A 933 0.04 -23.50 5.36
N MET A 934 -0.08 -24.30 6.42
CA MET A 934 -0.79 -23.90 7.63
C MET A 934 -0.01 -22.93 8.50
N LYS A 935 1.25 -22.66 8.16
CA LYS A 935 2.02 -21.66 8.89
C LYS A 935 1.41 -20.27 8.69
N ILE A 936 0.96 -19.97 7.49
CA ILE A 936 0.39 -18.67 7.15
C ILE A 936 -1.13 -18.68 7.14
N SER A 937 -1.74 -19.80 7.47
CA SER A 937 -3.19 -19.92 7.40
C SER A 937 -3.85 -19.12 8.51
N GLY A 938 -4.94 -18.44 8.17
CA GLY A 938 -5.64 -17.58 9.10
C GLY A 938 -5.18 -16.15 9.12
N ASN A 939 -4.63 -15.65 8.01
CA ASN A 939 -4.12 -14.28 7.93
C ASN A 939 -3.06 -14.03 9.02
N ALA A 940 -2.12 -14.97 9.10
CA ALA A 940 -1.17 -14.99 10.22
C ALA A 940 -0.30 -13.74 10.25
N MET A 941 0.17 -13.29 9.08
CA MET A 941 1.13 -12.19 9.05
C MET A 941 0.47 -10.81 9.09
N LEU A 942 -0.86 -10.74 8.96
CA LEU A 942 -1.59 -9.48 9.05
C LEU A 942 -2.47 -9.43 10.30
N GLN A 943 -2.08 -10.13 11.35
CA GLN A 943 -2.86 -10.17 12.58
C GLN A 943 -2.41 -9.04 13.50
N LEU A 944 -3.08 -8.92 14.65
CA LEU A 944 -2.77 -7.90 15.63
C LEU A 944 -1.36 -8.03 16.20
N GLY A 945 -0.88 -9.25 16.41
CA GLY A 945 0.46 -9.46 16.88
C GLY A 945 1.52 -8.82 16.00
N PRO A 946 1.61 -9.26 14.74
CA PRO A 946 2.55 -8.61 13.81
C PRO A 946 2.27 -7.13 13.59
N PHE A 947 1.00 -6.72 13.58
CA PHE A 947 0.69 -5.32 13.37
C PHE A 947 1.25 -4.45 14.49
N LEU A 948 1.08 -4.88 15.74
CA LEU A 948 1.64 -4.18 16.88
C LEU A 948 3.16 -4.15 16.87
N TYR A 949 3.81 -5.25 16.51
CA TYR A 949 5.26 -5.25 16.38
C TYR A 949 5.74 -4.24 15.35
N TRP A 950 5.16 -4.24 14.16
CA TRP A 950 5.55 -3.27 13.14
C TRP A 950 5.28 -1.83 13.57
N THR A 951 4.11 -1.56 14.15
CA THR A 951 3.79 -0.20 14.59
C THR A 951 4.71 0.28 15.71
N PHE A 952 4.98 -0.57 16.71
CA PHE A 952 5.88 -0.20 17.79
C PHE A 952 7.32 -0.03 17.32
N LEU A 953 7.80 -0.88 16.42
CA LEU A 953 9.11 -0.67 15.82
C LEU A 953 9.18 0.63 15.04
N ALA A 954 8.16 0.96 14.25
CA ALA A 954 8.11 2.23 13.55
C ALA A 954 8.10 3.43 14.49
N ALA A 955 7.32 3.39 15.56
CA ALA A 955 7.32 4.46 16.55
C ALA A 955 8.65 4.61 17.26
N PHE A 956 9.29 3.50 17.65
CA PHE A 956 10.60 3.56 18.28
C PHE A 956 11.64 4.17 17.34
N GLU A 957 11.65 3.75 16.07
CA GLU A 957 12.61 4.29 15.12
C GLU A 957 12.35 5.77 14.84
N GLY A 958 11.08 6.15 14.68
CA GLY A 958 10.75 7.55 14.48
C GLY A 958 11.13 8.44 15.64
N THR A 959 10.92 7.99 16.87
CA THR A 959 11.42 8.70 18.04
C THR A 959 12.93 8.78 18.07
N VAL A 960 13.62 7.68 17.75
CA VAL A 960 15.08 7.67 17.76
C VAL A 960 15.67 8.66 16.76
N PHE A 961 15.14 8.70 15.53
CA PHE A 961 15.66 9.64 14.54
C PHE A 961 15.63 11.07 15.06
N PHE A 962 14.46 11.53 15.49
CA PHE A 962 14.29 12.91 15.89
C PHE A 962 15.06 13.24 17.16
N PHE A 963 15.05 12.34 18.14
CA PHE A 963 15.72 12.69 19.38
C PHE A 963 17.20 12.33 19.38
N GLY A 964 17.71 11.75 18.29
CA GLY A 964 19.14 11.62 18.14
C GLY A 964 19.68 12.78 17.32
N THR A 965 18.86 13.31 16.42
CA THR A 965 19.23 14.54 15.72
C THR A 965 19.09 15.76 16.61
N TYR A 966 18.13 15.76 17.54
CA TYR A 966 17.88 16.92 18.39
C TYR A 966 18.99 17.11 19.41
N PHE A 967 19.45 16.03 20.04
CA PHE A 967 20.55 16.13 21.00
C PHE A 967 21.90 16.37 20.32
N LEU A 968 22.01 16.07 19.04
CA LEU A 968 23.23 16.38 18.29
C LEU A 968 23.34 17.86 17.95
N PHE A 969 22.22 18.57 17.86
CA PHE A 969 22.19 19.98 17.49
C PHE A 969 22.37 20.91 18.69
N GLN A 970 22.95 20.41 19.78
CA GLN A 970 23.28 21.25 20.94
C GLN A 970 24.76 21.61 20.96
N THR A 971 25.42 21.65 19.81
CA THR A 971 26.87 21.78 19.74
C THR A 971 27.32 23.20 19.41
N ALA A 972 26.50 23.97 18.71
CA ALA A 972 26.77 25.26 18.10
C ALA A 972 27.62 25.14 16.84
N SER A 973 28.17 23.96 16.54
CA SER A 973 28.90 23.71 15.32
C SER A 973 29.16 22.22 15.21
N LEU A 974 28.96 21.66 14.02
CA LEU A 974 29.19 20.25 13.78
C LEU A 974 30.43 19.98 12.93
N GLU A 975 31.13 21.03 12.48
CA GLU A 975 32.31 20.86 11.65
C GLU A 975 33.45 21.69 12.21
N GLU A 976 34.60 21.59 11.54
CA GLU A 976 35.83 22.20 12.00
C GLU A 976 35.95 23.69 11.68
N ASN A 977 35.21 24.19 10.69
CA ASN A 977 35.27 25.61 10.35
C ASN A 977 34.29 26.44 11.17
N GLY A 978 33.60 25.83 12.12
CA GLY A 978 32.73 26.56 13.04
C GLY A 978 31.51 27.19 12.42
N LYS A 979 30.85 26.50 11.49
CA LYS A 979 29.66 27.01 10.83
C LYS A 979 28.42 26.30 11.34
N VAL A 980 27.31 27.03 11.40
CA VAL A 980 26.08 26.54 12.02
C VAL A 980 25.13 26.05 10.94
N TYR A 981 24.17 25.20 11.37
CA TYR A 981 23.17 24.60 10.50
C TYR A 981 21.80 25.23 10.77
N GLY A 982 20.91 25.07 9.80
CA GLY A 982 19.56 25.57 9.87
C GLY A 982 18.55 24.48 10.14
N ASN A 983 17.28 24.78 9.83
CA ASN A 983 16.21 23.81 9.96
C ASN A 983 16.19 22.78 8.84
N TRP A 984 16.52 23.18 7.61
CA TRP A 984 16.61 22.23 6.51
C TRP A 984 17.70 21.20 6.71
N THR A 985 18.87 21.61 7.18
CA THR A 985 19.92 20.66 7.54
C THR A 985 19.51 19.75 8.70
N PHE A 986 18.73 20.27 9.65
CA PHE A 986 18.14 19.41 10.67
C PHE A 986 17.21 18.38 10.06
N GLY A 987 16.47 18.76 9.02
CA GLY A 987 15.55 17.86 8.36
C GLY A 987 16.22 16.82 7.48
N THR A 988 17.34 17.16 6.85
CA THR A 988 18.06 16.23 6.00
C THR A 988 18.80 15.15 6.78
N ILE A 989 19.26 15.44 7.99
CA ILE A 989 19.85 14.40 8.82
C ILE A 989 18.80 13.37 9.24
N VAL A 990 17.64 13.85 9.71
CA VAL A 990 16.54 12.94 10.04
C VAL A 990 16.09 12.15 8.83
N PHE A 991 15.94 12.79 7.68
CA PHE A 991 15.55 12.09 6.45
C PHE A 991 16.59 11.08 5.99
N THR A 992 17.87 11.40 6.08
CA THR A 992 18.92 10.44 5.72
C THR A 992 18.88 9.22 6.64
N VAL A 993 18.79 9.44 7.95
CA VAL A 993 18.71 8.31 8.87
C VAL A 993 17.46 7.48 8.59
N LEU A 994 16.33 8.14 8.35
CA LEU A 994 15.08 7.44 8.07
C LEU A 994 15.17 6.59 6.81
N VAL A 995 15.68 7.17 5.72
CA VAL A 995 15.78 6.44 4.47
C VAL A 995 16.72 5.25 4.61
N PHE A 996 17.90 5.46 5.19
CA PHE A 996 18.82 4.34 5.37
C PHE A 996 18.27 3.26 6.28
N THR A 997 17.59 3.63 7.37
CA THR A 997 17.01 2.65 8.27
C THR A 997 15.89 1.86 7.63
N VAL A 998 14.96 2.51 6.91
CA VAL A 998 13.86 1.78 6.29
C VAL A 998 14.30 1.03 5.03
N THR A 999 15.45 1.37 4.45
CA THR A 999 15.96 0.57 3.34
C THR A 999 16.76 -0.63 3.81
N LEU A 1000 17.61 -0.46 4.83
CA LEU A 1000 18.35 -1.57 5.40
C LEU A 1000 17.49 -2.50 6.25
N LYS A 1001 16.31 -2.05 6.66
CA LYS A 1001 15.33 -2.92 7.29
C LYS A 1001 14.76 -3.95 6.34
N LEU A 1002 14.47 -3.56 5.11
CA LEU A 1002 14.03 -4.50 4.08
C LEU A 1002 15.14 -5.41 3.61
N ALA A 1003 16.39 -4.93 3.62
CA ALA A 1003 17.53 -5.78 3.27
C ALA A 1003 17.75 -6.87 4.30
N LEU A 1004 17.28 -6.68 5.53
CA LEU A 1004 17.35 -7.71 6.55
C LEU A 1004 16.24 -8.74 6.42
N ASP A 1005 15.12 -8.35 5.82
CA ASP A 1005 13.99 -9.24 5.60
C ASP A 1005 14.09 -10.03 4.30
N THR A 1006 15.12 -9.78 3.49
CA THR A 1006 15.24 -10.40 2.19
C THR A 1006 16.00 -11.72 2.30
N ARG A 1007 15.39 -12.79 1.80
CA ARG A 1007 16.02 -14.10 1.77
C ARG A 1007 16.36 -14.56 0.35
N PHE A 1008 15.90 -13.85 -0.67
CA PHE A 1008 16.15 -14.19 -2.08
C PHE A 1008 16.79 -12.97 -2.72
N TRP A 1009 18.13 -12.96 -2.80
CA TRP A 1009 18.88 -11.79 -3.27
C TRP A 1009 19.25 -12.00 -4.73
N THR A 1010 18.30 -11.65 -5.61
CA THR A 1010 18.57 -11.64 -7.04
C THR A 1010 19.39 -10.40 -7.41
N TRP A 1011 19.88 -10.38 -8.64
CA TRP A 1011 20.58 -9.18 -9.11
C TRP A 1011 19.65 -7.98 -9.22
N ILE A 1012 18.35 -8.19 -9.38
CA ILE A 1012 17.39 -7.09 -9.39
C ILE A 1012 17.21 -6.47 -8.01
N ASN A 1013 17.15 -7.28 -6.95
CA ASN A 1013 17.13 -6.75 -5.60
C ASN A 1013 18.40 -6.00 -5.25
N HIS A 1014 19.56 -6.53 -5.64
CA HIS A 1014 20.82 -5.83 -5.46
C HIS A 1014 20.85 -4.50 -6.21
N PHE A 1015 20.07 -4.36 -7.27
CA PHE A 1015 20.06 -3.13 -8.05
C PHE A 1015 19.04 -2.12 -7.55
N VAL A 1016 17.92 -2.57 -6.99
CA VAL A 1016 16.91 -1.63 -6.49
C VAL A 1016 17.11 -1.26 -5.02
N ILE A 1017 17.81 -2.08 -4.24
CA ILE A 1017 18.05 -1.74 -2.85
C ILE A 1017 19.27 -0.85 -2.69
N TRP A 1018 20.40 -1.25 -3.27
CA TRP A 1018 21.59 -0.42 -3.25
C TRP A 1018 21.55 0.69 -4.29
N GLY A 1019 20.68 0.59 -5.28
CA GLY A 1019 20.47 1.67 -6.22
C GLY A 1019 19.53 2.75 -5.76
N SER A 1020 18.75 2.47 -4.71
CA SER A 1020 17.91 3.48 -4.08
C SER A 1020 18.65 4.30 -3.04
N LEU A 1021 19.59 3.70 -2.32
CA LEU A 1021 20.46 4.45 -1.42
C LEU A 1021 21.51 5.24 -2.18
N ALA A 1022 22.05 4.70 -3.26
CA ALA A 1022 23.01 5.40 -4.08
C ALA A 1022 22.38 6.53 -4.87
N PHE A 1023 21.09 6.44 -5.19
CA PHE A 1023 20.39 7.53 -5.87
C PHE A 1023 19.97 8.64 -4.94
N TYR A 1024 19.59 8.34 -3.69
CA TYR A 1024 19.27 9.39 -2.74
C TYR A 1024 20.48 10.25 -2.41
N VAL A 1025 21.64 9.60 -2.19
CA VAL A 1025 22.87 10.33 -1.90
C VAL A 1025 23.27 11.24 -3.05
N PHE A 1026 23.20 10.77 -4.28
CA PHE A 1026 23.47 11.61 -5.44
C PHE A 1026 22.39 12.66 -5.68
N PHE A 1027 21.13 12.36 -5.37
CA PHE A 1027 20.07 13.35 -5.54
C PHE A 1027 20.30 14.51 -4.59
N SER A 1028 20.80 14.24 -3.40
CA SER A 1028 21.23 15.33 -2.54
C SER A 1028 22.32 16.15 -3.21
N PHE A 1029 23.34 15.47 -3.77
CA PHE A 1029 24.42 16.11 -4.51
C PHE A 1029 23.93 16.98 -5.66
N PHE A 1030 22.83 16.60 -6.30
CA PHE A 1030 22.38 17.22 -7.54
C PHE A 1030 21.30 18.27 -7.30
N TRP A 1031 20.24 17.94 -6.58
CA TRP A 1031 19.27 18.94 -6.15
C TRP A 1031 19.97 20.05 -5.38
N GLY A 1032 20.84 19.67 -4.43
CA GLY A 1032 21.70 20.65 -3.82
C GLY A 1032 23.02 20.75 -4.56
N GLY A 1033 23.15 21.73 -5.44
CA GLY A 1033 24.32 21.83 -6.29
C GLY A 1033 24.07 22.39 -7.68
N ILE A 1034 22.80 22.56 -8.05
CA ILE A 1034 22.43 23.15 -9.32
C ILE A 1034 21.31 24.16 -9.09
N ILE A 1035 21.49 25.37 -9.63
CA ILE A 1035 20.52 26.45 -9.47
C ILE A 1035 19.58 26.39 -10.67
N TRP A 1036 18.29 26.22 -10.40
CA TRP A 1036 17.28 26.22 -11.43
C TRP A 1036 16.63 27.59 -11.56
N PRO A 1037 16.74 28.25 -12.71
CA PRO A 1037 16.14 29.60 -12.83
C PRO A 1037 14.64 29.63 -12.63
N PHE A 1038 13.92 28.56 -13.01
CA PHE A 1038 12.46 28.57 -12.94
C PHE A 1038 11.92 28.36 -11.54
N LEU A 1039 12.74 27.90 -10.60
CA LEU A 1039 12.28 27.70 -9.22
C LEU A 1039 12.29 29.03 -8.46
N LYS A 1040 11.48 29.09 -7.42
CA LYS A 1040 11.31 30.29 -6.63
C LYS A 1040 11.60 30.09 -5.14
N GLN A 1041 12.19 28.96 -4.75
CA GLN A 1041 12.45 28.70 -3.35
C GLN A 1041 13.93 28.58 -3.02
N GLN A 1042 14.71 27.87 -3.84
CA GLN A 1042 16.16 27.77 -3.72
C GLN A 1042 16.66 27.66 -2.28
N ARG A 1043 15.92 26.92 -1.45
CA ARG A 1043 16.22 26.82 -0.03
C ARG A 1043 17.13 25.66 0.32
N MET A 1044 17.45 24.79 -0.65
CA MET A 1044 18.30 23.64 -0.45
C MET A 1044 19.48 23.64 -1.42
N TYR A 1045 20.13 24.81 -1.57
CA TYR A 1045 21.15 24.97 -2.60
C TYR A 1045 22.34 24.03 -2.37
N PHE A 1046 22.91 24.07 -1.16
CA PHE A 1046 24.00 23.16 -0.81
C PHE A 1046 23.84 22.60 0.59
N VAL A 1047 22.61 22.32 1.01
CA VAL A 1047 22.39 21.87 2.38
C VAL A 1047 23.13 20.56 2.66
N PHE A 1048 22.94 19.56 1.80
CA PHE A 1048 23.67 18.30 1.96
C PHE A 1048 25.16 18.44 1.72
N ALA A 1049 25.55 19.30 0.76
CA ALA A 1049 26.97 19.43 0.44
C ALA A 1049 27.75 20.14 1.55
N GLN A 1050 27.08 20.94 2.37
CA GLN A 1050 27.73 21.45 3.59
C GLN A 1050 27.53 20.51 4.76
N MET A 1051 26.47 19.70 4.72
CA MET A 1051 26.25 18.68 5.74
C MET A 1051 27.34 17.61 5.70
N LEU A 1052 27.87 17.32 4.51
CA LEU A 1052 28.84 16.24 4.34
C LEU A 1052 30.27 16.67 4.62
N SER A 1053 30.50 17.93 4.96
CA SER A 1053 31.83 18.41 5.29
C SER A 1053 32.14 18.27 6.78
N SER A 1054 31.24 17.64 7.54
CA SER A 1054 31.41 17.47 8.97
C SER A 1054 31.47 15.98 9.30
N VAL A 1055 32.53 15.58 10.00
CA VAL A 1055 32.69 14.19 10.36
C VAL A 1055 31.69 13.77 11.43
N SER A 1056 31.41 14.65 12.40
CA SER A 1056 30.53 14.32 13.50
C SER A 1056 29.10 14.04 13.07
N THR A 1057 28.66 14.58 11.94
CA THR A 1057 27.35 14.23 11.41
C THR A 1057 27.32 12.83 10.80
N TRP A 1058 28.39 12.41 10.14
CA TRP A 1058 28.47 11.04 9.64
C TRP A 1058 28.41 10.04 10.78
N LEU A 1059 29.19 10.26 11.84
CA LEU A 1059 29.21 9.35 12.96
C LEU A 1059 27.87 9.27 13.67
N ALA A 1060 27.18 10.40 13.82
CA ALA A 1060 25.84 10.39 14.41
C ALA A 1060 24.82 9.65 13.56
N ILE A 1061 24.85 9.82 12.24
CA ILE A 1061 23.91 9.11 11.37
C ILE A 1061 24.12 7.60 11.42
N ILE A 1062 25.38 7.13 11.32
CA ILE A 1062 25.65 5.70 11.43
C ILE A 1062 25.26 5.13 12.78
N LEU A 1063 25.46 5.89 13.85
CA LEU A 1063 25.02 5.46 15.18
C LEU A 1063 23.50 5.38 15.30
N LEU A 1064 22.78 6.36 14.75
CA LEU A 1064 21.32 6.33 14.78
C LEU A 1064 20.73 5.26 13.87
N ILE A 1065 21.44 4.88 12.81
CA ILE A 1065 20.97 3.78 11.97
C ILE A 1065 21.05 2.44 12.69
N PHE A 1066 22.15 2.16 13.39
CA PHE A 1066 22.30 0.90 14.11
C PHE A 1066 21.41 0.82 15.33
N ILE A 1067 21.19 1.94 16.02
CA ILE A 1067 20.27 1.96 17.15
C ILE A 1067 18.85 1.61 16.74
N SER A 1068 18.38 2.16 15.62
CA SER A 1068 17.04 1.89 15.13
C SER A 1068 16.87 0.46 14.65
N LEU A 1069 17.90 -0.12 14.03
CA LEU A 1069 17.86 -1.50 13.55
C LEU A 1069 18.35 -2.49 14.61
N PHE A 1070 18.41 -2.07 15.86
CA PHE A 1070 18.86 -2.94 16.94
C PHE A 1070 17.78 -3.95 17.33
N PRO A 1071 16.50 -3.55 17.47
CA PRO A 1071 15.46 -4.57 17.72
C PRO A 1071 15.37 -5.62 16.63
N GLU A 1072 15.51 -5.23 15.36
CA GLU A 1072 15.46 -6.21 14.28
C GLU A 1072 16.62 -7.19 14.35
N ILE A 1073 17.82 -6.73 14.64
CA ILE A 1073 18.96 -7.62 14.80
C ILE A 1073 18.78 -8.54 15.99
N LEU A 1074 18.27 -8.00 17.11
CA LEU A 1074 18.04 -8.82 18.30
C LEU A 1074 17.01 -9.92 18.03
N LEU A 1075 15.91 -9.58 17.35
CA LEU A 1075 14.92 -10.60 16.99
C LEU A 1075 15.47 -11.62 16.02
N ILE A 1076 16.31 -11.22 15.07
CA ILE A 1076 16.97 -12.19 14.19
C ILE A 1076 17.87 -13.12 15.00
N VAL A 1077 18.63 -12.61 15.96
CA VAL A 1077 19.47 -13.47 16.77
C VAL A 1077 18.65 -14.41 17.66
N LEU A 1078 17.54 -13.93 18.22
CA LEU A 1078 16.79 -14.73 19.19
C LEU A 1078 15.79 -15.69 18.52
N LYS A 1079 14.83 -15.14 17.78
CA LYS A 1079 13.73 -15.94 17.27
C LYS A 1079 14.15 -16.85 16.12
N ASN A 1080 15.12 -16.43 15.29
CA ASN A 1080 15.48 -17.16 14.09
C ASN A 1080 16.52 -18.24 14.34
N VAL A 1081 16.63 -18.71 15.58
CA VAL A 1081 17.51 -19.84 15.90
C VAL A 1081 16.74 -20.83 16.76
N ARG A 1082 16.84 -22.11 16.42
CA ARG A 1082 16.19 -23.19 17.18
C ARG A 1082 14.70 -22.95 17.39
N ARG B 27 7.79 -24.80 -22.56
CA ARG B 27 7.32 -23.70 -23.39
C ARG B 27 8.48 -22.80 -23.78
N PRO B 28 8.35 -22.07 -24.90
CA PRO B 28 9.43 -21.20 -25.35
C PRO B 28 9.78 -20.10 -24.36
N ASP B 29 8.86 -19.78 -23.45
CA ASP B 29 9.08 -18.77 -22.42
C ASP B 29 9.48 -19.41 -21.09
N ASN B 30 10.26 -20.49 -21.13
CA ASN B 30 10.76 -21.12 -19.91
C ASN B 30 12.12 -20.53 -19.49
N THR B 31 12.16 -19.21 -19.51
CA THR B 31 13.34 -18.48 -19.05
C THR B 31 13.41 -18.49 -17.54
N ALA B 32 14.58 -18.13 -17.02
CA ALA B 32 14.79 -18.17 -15.56
C ALA B 32 13.87 -17.21 -14.84
N PHE B 33 13.63 -16.03 -15.40
CA PHE B 33 12.78 -15.05 -14.74
C PHE B 33 11.31 -15.48 -14.73
N LYS B 34 10.83 -16.00 -15.87
CA LYS B 34 9.41 -16.37 -15.97
C LYS B 34 9.09 -17.60 -15.14
N GLN B 35 10.05 -18.50 -14.97
CA GLN B 35 9.85 -19.72 -14.19
C GLN B 35 10.26 -19.56 -12.73
N GLN B 36 10.53 -18.33 -12.29
CA GLN B 36 10.88 -18.04 -10.90
C GLN B 36 12.11 -18.82 -10.44
N ARG B 37 13.09 -18.99 -11.31
CA ARG B 37 14.32 -19.70 -10.99
C ARG B 37 15.53 -18.83 -11.30
N LEU B 38 15.43 -17.54 -10.99
CA LEU B 38 16.57 -16.66 -11.12
C LEU B 38 17.63 -17.01 -10.10
N PRO B 39 18.92 -16.88 -10.44
CA PRO B 39 19.96 -17.11 -9.43
C PRO B 39 19.91 -16.06 -8.34
N ALA B 40 20.03 -16.52 -7.09
CA ALA B 40 19.96 -15.64 -5.93
C ALA B 40 21.09 -15.99 -4.97
N TRP B 41 21.25 -15.15 -3.94
CA TRP B 41 22.28 -15.33 -2.92
C TRP B 41 21.80 -16.19 -1.77
N GLN B 42 20.58 -15.94 -1.28
CA GLN B 42 19.97 -16.70 -0.19
C GLN B 42 20.87 -16.78 1.03
N PRO B 43 21.04 -15.67 1.77
CA PRO B 43 21.87 -15.70 2.97
C PRO B 43 21.14 -16.35 4.14
N ILE B 44 21.89 -17.05 4.98
CA ILE B 44 21.34 -17.69 6.17
C ILE B 44 21.79 -16.84 7.35
N LEU B 45 20.85 -16.10 7.93
CA LEU B 45 21.14 -15.19 9.05
C LEU B 45 20.87 -15.93 10.35
N THR B 46 21.68 -16.95 10.61
CA THR B 46 21.56 -17.71 11.84
C THR B 46 22.25 -16.96 12.99
N ALA B 47 21.91 -17.35 14.22
CA ALA B 47 22.45 -16.68 15.40
C ALA B 47 23.92 -16.99 15.65
N GLY B 48 24.47 -18.03 15.01
CA GLY B 48 25.87 -18.36 15.16
C GLY B 48 26.81 -17.56 14.29
N THR B 49 26.27 -16.75 13.39
CA THR B 49 27.08 -15.91 12.50
C THR B 49 26.79 -14.43 12.71
N VAL B 50 26.04 -14.11 13.77
CA VAL B 50 25.71 -12.73 14.09
C VAL B 50 26.28 -12.41 15.47
N LEU B 51 26.58 -13.45 16.24
CA LEU B 51 27.20 -13.30 17.54
C LEU B 51 28.56 -12.58 17.42
N PRO B 52 29.42 -12.95 16.45
CA PRO B 52 30.64 -12.16 16.24
C PRO B 52 30.37 -10.72 15.82
N ILE B 53 29.23 -10.42 15.22
CA ILE B 53 28.90 -9.06 14.80
C ILE B 53 28.71 -8.19 16.04
N PHE B 54 28.03 -8.74 17.05
CA PHE B 54 27.81 -8.00 18.30
C PHE B 54 29.11 -7.71 19.03
N PHE B 55 30.13 -8.55 18.88
CA PHE B 55 31.44 -8.29 19.47
C PHE B 55 32.26 -7.33 18.63
N ILE B 56 32.21 -7.45 17.31
CA ILE B 56 32.95 -6.53 16.44
C ILE B 56 32.41 -5.11 16.60
N ILE B 57 31.09 -4.94 16.65
CA ILE B 57 30.51 -3.61 16.79
C ILE B 57 30.87 -3.01 18.14
N GLY B 58 30.80 -3.82 19.20
CA GLY B 58 31.17 -3.34 20.52
C GLY B 58 32.65 -3.07 20.67
N LEU B 59 33.50 -3.72 19.87
CA LEU B 59 34.94 -3.48 19.92
C LEU B 59 35.38 -2.28 19.11
N ILE B 60 34.55 -1.80 18.18
CA ILE B 60 34.90 -0.65 17.36
C ILE B 60 34.04 0.56 17.66
N PHE B 61 33.01 0.43 18.51
CA PHE B 61 32.24 1.58 18.97
C PHE B 61 32.76 2.17 20.26
N ILE B 62 33.29 1.37 21.16
CA ILE B 62 33.81 1.85 22.44
C ILE B 62 35.03 2.74 22.24
N PRO B 63 36.07 2.31 21.49
CA PRO B 63 37.22 3.21 21.29
C PRO B 63 36.85 4.49 20.56
N ILE B 64 35.89 4.45 19.64
CA ILE B 64 35.44 5.64 18.93
C ILE B 64 34.73 6.56 19.92
N GLY B 65 33.91 5.98 20.79
CA GLY B 65 33.18 6.75 21.78
C GLY B 65 34.09 7.46 22.76
N ILE B 66 35.18 6.82 23.14
CA ILE B 66 36.19 7.46 23.98
C ILE B 66 36.90 8.59 23.24
N GLY B 67 37.22 8.39 21.95
CA GLY B 67 37.87 9.45 21.20
C GLY B 67 37.03 10.68 21.00
N ILE B 68 35.71 10.52 20.86
CA ILE B 68 34.80 11.66 20.75
C ILE B 68 34.46 12.24 22.12
N PHE B 69 34.84 11.55 23.19
CA PHE B 69 34.52 12.00 24.54
C PHE B 69 35.62 12.83 25.17
N VAL B 70 36.90 12.51 24.92
CA VAL B 70 37.97 13.37 25.41
C VAL B 70 38.14 14.57 24.49
N THR B 71 37.78 14.44 23.21
CA THR B 71 37.81 15.59 22.32
C THR B 71 36.79 16.63 22.75
N SER B 72 35.62 16.19 23.20
CA SER B 72 34.60 17.10 23.70
C SER B 72 34.97 17.74 25.03
N ASN B 73 35.90 17.15 25.78
CA ASN B 73 36.36 17.73 27.03
C ASN B 73 37.55 18.64 26.87
N ASN B 74 38.41 18.40 25.89
CA ASN B 74 39.53 19.29 25.61
C ASN B 74 39.09 20.61 25.01
N ILE B 75 37.84 20.72 24.53
CA ILE B 75 37.38 21.95 23.93
C ILE B 75 37.05 22.97 25.01
N ARG B 76 37.57 24.18 24.85
CA ARG B 76 37.30 25.27 25.78
C ARG B 76 36.21 26.17 25.23
N GLU B 77 35.22 26.46 26.06
CA GLU B 77 34.09 27.27 25.64
C GLU B 77 33.54 28.04 26.84
N ILE B 78 33.30 29.33 26.64
CA ILE B 78 32.71 30.18 27.67
C ILE B 78 31.54 30.94 27.05
N GLU B 79 30.43 31.00 27.79
CA GLU B 79 29.24 31.74 27.37
C GLU B 79 28.85 32.69 28.50
N ILE B 80 28.65 33.96 28.15
CA ILE B 80 28.27 34.98 29.12
C ILE B 80 26.94 35.58 28.69
N ASP B 81 26.05 35.79 29.65
CA ASP B 81 24.70 36.28 29.38
C ASP B 81 24.65 37.78 29.63
N TYR B 82 24.06 38.51 28.67
CA TYR B 82 24.06 39.97 28.76
C TYR B 82 22.69 40.56 28.42
N THR B 83 21.62 39.80 28.59
CA THR B 83 20.29 40.31 28.30
C THR B 83 19.73 41.17 29.41
N GLY B 84 20.50 41.44 30.45
CA GLY B 84 20.00 42.20 31.58
C GLY B 84 19.01 41.42 32.42
N THR B 85 17.81 41.97 32.59
CA THR B 85 16.71 41.36 33.35
C THR B 85 17.07 41.09 34.80
N GLU B 86 18.20 41.58 35.28
CA GLU B 86 18.60 41.45 36.67
C GLU B 86 18.89 42.85 37.21
N PRO B 87 18.41 43.19 38.40
CA PRO B 87 18.67 44.54 38.93
C PRO B 87 20.15 44.85 39.06
N SER B 88 20.98 43.86 39.42
CA SER B 88 22.41 44.06 39.57
C SER B 88 23.20 43.64 38.34
N SER B 89 22.59 43.67 37.16
CA SER B 89 23.27 43.31 35.93
C SER B 89 23.85 44.56 35.29
N PRO B 90 25.10 44.54 34.83
CA PRO B 90 25.69 45.75 34.23
C PRO B 90 24.94 46.26 33.02
N CYS B 91 24.31 45.39 32.25
CA CYS B 91 23.63 45.77 31.02
C CYS B 91 22.14 46.00 31.22
N ASN B 92 21.65 45.94 32.46
CA ASN B 92 20.26 46.25 32.76
C ASN B 92 19.95 47.73 32.58
N LYS B 93 20.94 48.61 32.76
CA LYS B 93 20.72 50.04 32.72
C LYS B 93 20.07 50.53 31.42
N CYS B 94 19.98 49.68 30.41
CA CYS B 94 19.33 50.05 29.16
C CYS B 94 18.45 48.92 28.66
N LEU B 95 17.73 48.26 29.58
CA LEU B 95 16.68 47.34 29.15
C LEU B 95 15.56 48.10 28.45
N SER B 96 15.20 49.28 28.95
CA SER B 96 14.29 50.20 28.27
C SER B 96 14.95 51.57 28.26
N PRO B 97 15.99 51.75 27.44
CA PRO B 97 16.77 52.99 27.49
C PRO B 97 16.01 54.19 26.95
N ASP B 98 16.41 55.36 27.43
CA ASP B 98 15.81 56.62 26.96
C ASP B 98 16.63 57.27 25.86
N VAL B 99 17.95 57.04 25.85
CA VAL B 99 18.84 57.56 24.83
C VAL B 99 19.51 56.38 24.14
N THR B 100 19.52 56.41 22.81
CA THR B 100 20.10 55.35 22.02
C THR B 100 21.28 55.85 21.20
N PRO B 101 22.24 54.98 20.87
CA PRO B 101 22.34 53.56 21.24
C PRO B 101 22.85 53.35 22.66
N CYS B 102 22.47 52.25 23.31
CA CYS B 102 23.01 51.93 24.61
C CYS B 102 24.42 51.36 24.49
N PHE B 103 25.19 51.54 25.55
CA PHE B 103 26.53 51.00 25.67
C PHE B 103 26.66 50.36 27.05
N CYS B 104 27.11 49.10 27.06
CA CYS B 104 27.27 48.39 28.33
C CYS B 104 28.39 47.36 28.24
N THR B 105 29.18 47.24 29.30
CA THR B 105 30.35 46.36 29.32
C THR B 105 30.23 45.33 30.43
N ILE B 106 30.75 44.14 30.15
CA ILE B 106 30.70 43.02 31.09
C ILE B 106 32.10 42.45 31.25
N ASN B 107 32.51 42.20 32.49
CA ASN B 107 33.83 41.64 32.79
C ASN B 107 33.70 40.14 32.99
N PHE B 108 34.51 39.37 32.26
CA PHE B 108 34.64 37.94 32.48
C PHE B 108 36.12 37.57 32.48
N THR B 109 36.42 36.36 32.94
CA THR B 109 37.79 35.89 33.04
C THR B 109 37.89 34.51 32.40
N LEU B 110 39.06 34.18 31.88
CA LEU B 110 39.33 32.87 31.30
C LEU B 110 40.35 32.15 32.20
N GLU B 111 39.91 31.08 32.85
CA GLU B 111 40.81 30.31 33.70
C GLU B 111 41.90 29.62 32.89
N LYS B 112 41.57 29.09 31.72
CA LYS B 112 42.51 28.40 30.85
C LYS B 112 42.49 29.05 29.49
N SER B 113 43.67 29.34 28.95
CA SER B 113 43.77 30.05 27.68
C SER B 113 43.22 29.20 26.54
N PHE B 114 42.66 29.87 25.54
CA PHE B 114 42.12 29.21 24.36
C PHE B 114 43.25 28.99 23.36
N GLU B 115 43.43 27.74 22.92
CA GLU B 115 44.63 27.36 22.18
C GLU B 115 44.52 27.63 20.68
N GLY B 116 43.57 27.00 20.01
CA GLY B 116 43.45 27.10 18.57
C GLY B 116 42.81 28.40 18.14
N ASN B 117 42.20 28.40 16.96
CA ASN B 117 41.44 29.55 16.50
C ASN B 117 40.02 29.44 17.04
N VAL B 118 39.60 30.47 17.77
CA VAL B 118 38.33 30.45 18.46
C VAL B 118 37.28 31.16 17.61
N PHE B 119 36.01 30.90 17.92
CA PHE B 119 34.89 31.40 17.15
C PHE B 119 33.94 32.14 18.07
N MET B 120 33.41 33.26 17.61
CA MET B 120 32.48 34.07 18.38
C MET B 120 31.07 33.80 17.90
N TYR B 121 30.20 33.40 18.82
CA TYR B 121 28.79 33.12 18.53
C TYR B 121 27.92 34.09 19.32
N TYR B 122 26.66 34.20 18.91
CA TYR B 122 25.66 34.86 19.72
C TYR B 122 24.44 33.95 19.79
N GLY B 123 23.89 33.81 20.99
CA GLY B 123 22.77 32.91 21.18
C GLY B 123 21.49 33.61 21.57
N LEU B 124 20.36 33.08 21.10
CA LEU B 124 19.06 33.62 21.44
C LEU B 124 18.12 32.47 21.76
N SER B 125 17.50 32.51 22.94
CA SER B 125 16.50 31.53 23.32
C SER B 125 15.12 32.15 23.24
N ASN B 126 14.10 31.29 23.20
CA ASN B 126 12.71 31.66 22.98
C ASN B 126 12.50 32.41 21.68
N PHE B 127 13.45 32.34 20.76
CA PHE B 127 13.35 32.98 19.46
C PHE B 127 12.98 31.91 18.44
N TYR B 128 11.71 31.87 18.06
CA TYR B 128 11.20 30.82 17.19
C TYR B 128 11.43 31.23 15.74
N GLN B 129 12.67 31.02 15.29
CA GLN B 129 12.98 31.21 13.87
C GLN B 129 12.41 30.11 13.01
N ASN B 130 12.16 28.92 13.58
CA ASN B 130 11.55 27.81 12.85
C ASN B 130 10.03 27.81 12.99
N HIS B 131 9.41 28.96 12.75
CA HIS B 131 7.97 29.12 12.79
C HIS B 131 7.46 29.24 11.36
N ARG B 132 6.39 28.51 11.05
CA ARG B 132 5.93 28.43 9.66
C ARG B 132 5.71 29.81 9.05
N ARG B 133 5.14 30.74 9.82
CA ARG B 133 4.91 32.09 9.32
C ARG B 133 6.18 32.91 9.19
N TYR B 134 7.29 32.45 9.78
CA TYR B 134 8.57 33.15 9.76
C TYR B 134 9.54 32.60 8.73
N VAL B 135 9.59 31.27 8.59
CA VAL B 135 10.53 30.64 7.66
C VAL B 135 10.19 31.01 6.22
N LYS B 136 8.91 30.94 5.87
CA LYS B 136 8.44 31.18 4.51
C LYS B 136 8.38 32.67 4.17
N SER B 137 8.95 33.53 5.00
CA SER B 137 8.81 34.98 4.87
C SER B 137 9.99 35.60 4.15
N ARG B 138 10.54 34.92 3.14
CA ARG B 138 11.63 35.44 2.34
C ARG B 138 11.28 35.35 0.87
N ASP B 139 11.95 36.18 0.07
CA ASP B 139 11.89 36.11 -1.38
C ASP B 139 13.26 35.63 -1.84
N ASP B 140 13.44 34.30 -1.91
CA ASP B 140 14.74 33.73 -2.23
C ASP B 140 15.18 34.07 -3.65
N SER B 141 14.25 34.25 -4.58
CA SER B 141 14.60 34.72 -5.91
C SER B 141 15.09 36.16 -5.90
N GLN B 142 14.50 37.02 -5.06
CA GLN B 142 14.96 38.41 -4.95
C GLN B 142 16.34 38.48 -4.32
N LEU B 143 16.62 37.64 -3.32
CA LEU B 143 17.94 37.59 -2.72
C LEU B 143 18.97 36.95 -3.63
N ASN B 144 18.55 36.36 -4.74
CA ASN B 144 19.46 35.76 -5.72
C ASN B 144 19.88 36.77 -6.78
N GLY B 145 19.48 38.02 -6.64
CA GLY B 145 19.83 39.04 -7.61
C GLY B 145 18.95 39.10 -8.83
N ASP B 146 17.73 38.60 -8.74
CA ASP B 146 16.81 38.65 -9.87
C ASP B 146 16.36 40.09 -10.11
N SER B 147 16.33 40.50 -11.38
CA SER B 147 15.91 41.86 -11.71
C SER B 147 14.43 42.07 -11.47
N SER B 148 13.59 41.10 -11.86
CA SER B 148 12.15 41.25 -11.72
C SER B 148 11.66 41.10 -10.30
N ALA B 149 12.24 40.18 -9.52
CA ALA B 149 11.80 39.98 -8.15
C ALA B 149 12.21 41.14 -7.24
N LEU B 150 13.22 41.90 -7.63
CA LEU B 150 13.66 43.03 -6.82
C LEU B 150 12.58 44.11 -6.73
N LEU B 151 11.94 44.43 -7.86
CA LEU B 151 10.95 45.49 -7.91
C LEU B 151 9.60 45.06 -7.33
N ASN B 152 9.18 43.82 -7.59
CA ASN B 152 7.91 43.29 -7.09
C ASN B 152 8.20 41.99 -6.34
N PRO B 153 8.49 42.07 -5.04
CA PRO B 153 8.80 40.85 -4.28
C PRO B 153 7.61 39.92 -4.12
N SER B 154 7.81 38.77 -3.49
CA SER B 154 6.78 37.76 -3.38
C SER B 154 5.71 38.19 -2.39
N LYS B 155 4.60 37.45 -2.38
CA LYS B 155 3.50 37.68 -1.46
C LYS B 155 3.69 36.95 -0.13
N GLU B 156 4.64 36.03 -0.04
CA GLU B 156 4.87 35.31 1.20
C GLU B 156 5.47 36.20 2.28
N CYS B 157 6.30 37.18 1.89
CA CYS B 157 6.85 38.14 2.84
C CYS B 157 5.89 39.31 2.99
N GLU B 158 4.61 39.01 3.32
CA GLU B 158 3.56 40.00 3.12
C GLU B 158 3.66 41.20 4.06
N PRO B 159 3.61 41.04 5.39
CA PRO B 159 3.58 42.26 6.24
C PRO B 159 4.80 43.14 6.04
N TYR B 160 5.98 42.55 5.89
CA TYR B 160 7.20 43.29 5.59
C TYR B 160 7.54 43.18 4.10
N ARG B 161 6.65 43.73 3.26
CA ARG B 161 6.85 43.71 1.82
C ARG B 161 6.93 45.09 1.19
N ARG B 162 6.00 45.99 1.49
CA ARG B 162 6.02 47.33 0.94
C ARG B 162 5.71 48.33 2.05
N ASN B 163 6.41 49.46 2.02
CA ASN B 163 6.06 50.60 2.85
C ASN B 163 6.51 51.86 2.13
N GLU B 164 5.77 52.96 2.35
CA GLU B 164 5.96 54.21 1.63
C GLU B 164 5.84 54.03 0.12
N ASP B 165 4.95 53.15 -0.33
CA ASP B 165 4.67 52.88 -1.74
C ASP B 165 5.84 52.19 -2.44
N LYS B 166 6.96 52.03 -1.75
CA LYS B 166 8.15 51.43 -2.33
C LYS B 166 8.36 50.03 -1.78
N PRO B 167 8.82 49.09 -2.60
CA PRO B 167 9.05 47.71 -2.12
C PRO B 167 10.28 47.65 -1.22
N ILE B 168 10.18 46.86 -0.15
CA ILE B 168 11.31 46.64 0.73
C ILE B 168 12.32 45.75 0.02
N ALA B 169 13.60 46.14 0.05
CA ALA B 169 14.58 45.39 -0.72
C ALA B 169 14.86 44.04 -0.06
N PRO B 170 15.28 43.97 1.22
CA PRO B 170 15.23 42.64 1.86
C PRO B 170 13.88 42.39 2.51
N CYS B 171 12.90 42.00 1.69
CA CYS B 171 11.55 41.81 2.18
C CYS B 171 11.48 40.64 3.15
N GLY B 172 10.64 40.78 4.16
CA GLY B 172 10.28 39.66 5.02
C GLY B 172 10.73 39.85 6.45
N ALA B 173 10.16 39.01 7.31
CA ALA B 173 10.46 39.01 8.73
C ALA B 173 11.89 38.61 9.03
N ILE B 174 12.43 37.63 8.32
CA ILE B 174 13.78 37.15 8.60
C ILE B 174 14.79 38.27 8.41
N MET B 175 14.67 39.00 7.32
CA MET B 175 15.56 40.14 7.06
C MET B 175 15.22 41.35 7.91
N ASN B 176 13.94 41.58 8.20
CA ASN B 176 13.53 42.73 8.99
C ASN B 176 13.99 42.63 10.45
N SER B 177 14.01 41.43 11.02
CA SER B 177 14.39 41.22 12.40
C SER B 177 15.84 40.78 12.53
N MET B 178 16.71 41.28 11.67
CA MET B 178 18.11 40.90 11.70
C MET B 178 18.75 41.31 13.01
N PHE B 179 19.62 40.44 13.54
CA PHE B 179 20.30 40.72 14.79
C PHE B 179 21.37 41.78 14.56
N ASN B 180 21.34 42.85 15.35
CA ASN B 180 22.18 44.00 15.09
C ASN B 180 22.79 44.55 16.38
N ASP B 181 23.30 43.68 17.24
CA ASP B 181 24.16 44.10 18.33
C ASP B 181 25.60 44.19 17.85
N THR B 182 26.41 44.95 18.58
CA THR B 182 27.83 45.10 18.28
C THR B 182 28.62 44.65 19.51
N LEU B 183 29.24 43.47 19.41
CA LEU B 183 30.01 42.90 20.50
C LEU B 183 31.50 43.08 20.22
N GLU B 184 32.21 43.63 21.19
CA GLU B 184 33.65 43.84 21.09
C GLU B 184 34.34 43.23 22.30
N LEU B 185 35.56 42.75 22.11
CA LEU B 185 36.34 42.11 23.15
C LEU B 185 37.62 42.89 23.41
N PHE B 186 37.96 43.05 24.69
CA PHE B 186 39.18 43.70 25.11
C PHE B 186 39.85 42.85 26.17
N LEU B 187 41.17 42.88 26.19
CA LEU B 187 41.97 42.12 27.15
C LEU B 187 42.67 43.10 28.09
N ILE B 188 42.46 42.92 29.39
CA ILE B 188 43.05 43.81 30.39
C ILE B 188 44.50 43.43 30.59
N GLY B 189 45.41 44.24 30.07
CA GLY B 189 46.82 43.95 30.15
C GLY B 189 47.37 44.14 31.55
N GLN B 190 48.71 44.21 31.61
CA GLN B 190 49.38 44.43 32.88
C GLN B 190 48.99 45.79 33.47
N ASP B 191 48.67 46.75 32.62
CA ASP B 191 48.15 48.03 33.06
C ASP B 191 46.64 48.08 32.89
N SER B 192 46.05 49.19 33.34
CA SER B 192 44.60 49.32 33.28
C SER B 192 44.09 49.40 31.86
N TYR B 193 44.87 49.91 30.92
CA TYR B 193 44.41 50.08 29.55
C TYR B 193 44.24 48.72 28.87
N PRO B 194 43.16 48.51 28.13
CA PRO B 194 42.93 47.23 27.46
C PRO B 194 43.46 47.21 26.03
N ILE B 195 43.86 46.04 25.59
CA ILE B 195 44.31 45.81 24.22
C ILE B 195 43.19 45.11 23.45
N PRO B 196 42.61 45.75 22.43
CA PRO B 196 41.52 45.10 21.68
C PRO B 196 42.05 43.97 20.81
N ILE B 197 41.33 42.85 20.84
CA ILE B 197 41.68 41.70 20.00
C ILE B 197 40.85 41.75 18.72
N ALA B 198 41.49 41.41 17.60
CA ALA B 198 40.89 41.58 16.28
C ALA B 198 39.90 40.46 15.98
N LEU B 199 38.71 40.83 15.55
CA LEU B 199 37.67 39.88 15.16
C LEU B 199 37.49 39.93 13.65
N LYS B 200 37.49 38.76 13.02
CA LYS B 200 37.37 38.66 11.57
C LYS B 200 35.89 38.48 11.20
N LYS B 201 35.42 39.31 10.28
CA LYS B 201 34.01 39.29 9.90
C LYS B 201 33.76 38.37 8.71
N LYS B 202 34.60 38.46 7.68
CA LYS B 202 34.37 37.70 6.47
C LYS B 202 34.71 36.24 6.68
N GLY B 203 33.91 35.36 6.07
CA GLY B 203 34.12 33.94 6.14
C GLY B 203 33.33 33.21 7.19
N ILE B 204 32.23 33.79 7.68
CA ILE B 204 31.40 33.17 8.70
C ILE B 204 30.20 32.44 8.13
N ALA B 205 29.84 32.70 6.88
CA ALA B 205 28.70 32.05 6.24
C ALA B 205 29.19 30.95 5.32
N TRP B 206 28.25 30.09 4.90
CA TRP B 206 28.56 29.02 3.98
C TRP B 206 29.15 29.58 2.69
N TRP B 207 30.20 28.92 2.19
CA TRP B 207 30.76 29.32 0.91
C TRP B 207 29.70 29.31 -0.18
N THR B 208 28.84 28.30 -0.17
CA THR B 208 27.90 28.09 -1.26
C THR B 208 26.80 29.15 -1.27
N ASP B 209 26.19 29.40 -0.12
CA ASP B 209 25.05 30.31 -0.04
C ASP B 209 25.47 31.76 -0.05
N LYS B 210 26.77 32.03 -0.01
CA LYS B 210 27.27 33.38 -0.23
C LYS B 210 27.81 33.60 -1.63
N ASN B 211 28.41 32.57 -2.23
CA ASN B 211 29.01 32.71 -3.54
C ASN B 211 28.05 32.41 -4.68
N VAL B 212 26.94 31.70 -4.45
CA VAL B 212 25.99 31.48 -5.52
C VAL B 212 24.57 31.86 -5.10
N LYS B 213 24.11 31.32 -3.96
CA LYS B 213 22.71 31.49 -3.59
C LYS B 213 22.35 32.95 -3.32
N PHE B 214 23.22 33.69 -2.64
CA PHE B 214 22.98 35.10 -2.33
C PHE B 214 23.79 35.94 -3.31
N ARG B 215 23.09 36.69 -4.15
CA ARG B 215 23.73 37.56 -5.13
C ARG B 215 23.09 38.94 -5.12
N ASN B 216 23.88 39.93 -5.52
CA ASN B 216 23.44 41.30 -5.70
C ASN B 216 22.68 41.43 -7.02
N PRO B 217 21.92 42.51 -7.23
CA PRO B 217 21.33 42.77 -8.54
C PRO B 217 22.41 42.79 -9.62
N PRO B 218 22.05 42.47 -10.87
CA PRO B 218 23.08 42.09 -11.85
C PRO B 218 23.95 43.24 -12.35
N GLY B 219 23.36 44.39 -12.66
CA GLY B 219 24.10 45.45 -13.30
C GLY B 219 24.10 46.72 -12.49
N GLY B 220 25.14 47.51 -12.68
CA GLY B 220 25.28 48.79 -12.00
C GLY B 220 26.73 49.06 -11.67
N ASP B 221 26.99 50.35 -11.40
CA ASP B 221 28.34 50.79 -11.04
C ASP B 221 28.58 50.65 -9.54
N ASN B 222 27.68 51.22 -8.73
CA ASN B 222 27.74 51.12 -7.28
C ASN B 222 26.42 50.56 -6.77
N LEU B 223 26.46 49.90 -5.61
CA LEU B 223 25.28 49.25 -5.08
C LEU B 223 24.16 50.23 -4.77
N GLU B 224 24.48 51.50 -4.54
CA GLU B 224 23.44 52.49 -4.28
C GLU B 224 22.54 52.71 -5.49
N GLU B 225 23.01 52.36 -6.69
CA GLU B 225 22.24 52.58 -7.91
C GLU B 225 21.42 51.36 -8.29
N ARG B 226 21.88 50.16 -7.92
CA ARG B 226 21.11 48.96 -8.22
C ARG B 226 19.81 48.88 -7.43
N PHE B 227 19.80 49.39 -6.20
CA PHE B 227 18.58 49.49 -5.41
C PHE B 227 18.02 50.90 -5.59
N LYS B 228 17.40 51.13 -6.75
CA LYS B 228 16.83 52.43 -7.05
C LYS B 228 15.41 52.57 -6.52
N GLY B 229 14.51 51.69 -6.95
CA GLY B 229 13.12 51.76 -6.56
C GLY B 229 12.77 51.06 -5.27
N THR B 230 13.73 50.44 -4.60
CA THR B 230 13.48 49.73 -3.36
C THR B 230 13.80 50.61 -2.16
N THR B 231 13.34 50.17 -1.00
CA THR B 231 13.53 50.86 0.26
C THR B 231 13.98 49.88 1.33
N LYS B 232 14.57 50.42 2.40
CA LYS B 232 15.11 49.61 3.48
C LYS B 232 13.98 49.02 4.33
N PRO B 233 14.27 47.92 5.04
CA PRO B 233 13.26 47.38 5.97
C PRO B 233 12.96 48.36 7.10
N VAL B 234 11.75 48.26 7.66
CA VAL B 234 11.28 49.26 8.62
C VAL B 234 12.17 49.27 9.86
N ASN B 235 12.55 48.09 10.36
CA ASN B 235 13.34 47.99 11.57
C ASN B 235 14.80 48.37 11.36
N TRP B 236 15.30 48.36 10.13
CA TRP B 236 16.70 48.65 9.88
C TRP B 236 16.97 50.14 10.02
N LEU B 237 18.18 50.47 10.45
CA LEU B 237 18.64 51.84 10.51
C LEU B 237 19.31 52.32 9.24
N LYS B 238 19.87 51.39 8.46
CA LYS B 238 20.55 51.70 7.21
C LYS B 238 20.08 50.73 6.12
N PRO B 239 20.10 51.14 4.86
CA PRO B 239 19.66 50.24 3.78
C PRO B 239 20.62 49.08 3.61
N VAL B 240 20.20 48.14 2.75
CA VAL B 240 21.01 46.94 2.51
C VAL B 240 22.30 47.26 1.78
N TYR B 241 22.35 48.38 1.05
CA TYR B 241 23.53 48.76 0.29
C TYR B 241 24.55 49.54 1.11
N MET B 242 24.27 49.77 2.39
CA MET B 242 25.24 50.41 3.28
C MET B 242 25.55 49.55 4.49
N LEU B 243 25.38 48.23 4.38
CA LEU B 243 25.65 47.35 5.51
C LEU B 243 27.14 47.36 5.88
N ASP B 244 28.02 47.38 4.88
CA ASP B 244 29.45 47.39 5.13
C ASP B 244 30.13 48.16 4.00
N SER B 245 31.35 48.63 4.30
CA SER B 245 32.14 49.41 3.34
C SER B 245 32.96 48.52 2.41
N ASP B 246 32.72 47.21 2.43
CA ASP B 246 33.44 46.27 1.58
C ASP B 246 32.57 45.89 0.39
N PRO B 247 33.02 46.09 -0.84
CA PRO B 247 32.19 45.71 -2.00
C PRO B 247 31.81 44.24 -2.02
N ASP B 248 32.68 43.37 -1.49
CA ASP B 248 32.38 41.95 -1.41
C ASP B 248 31.47 41.62 -0.22
N ASN B 249 31.19 42.60 0.64
CA ASN B 249 30.39 42.38 1.83
C ASN B 249 29.38 43.49 2.04
N ASN B 250 28.87 44.08 0.95
CA ASN B 250 28.06 45.29 1.04
C ASN B 250 26.57 44.99 1.11
N GLY B 251 26.02 44.33 0.11
CA GLY B 251 24.58 44.10 0.08
C GLY B 251 24.20 42.75 -0.46
N PHE B 252 23.28 42.06 0.23
CA PHE B 252 22.77 40.76 -0.19
C PHE B 252 23.85 39.69 -0.15
N ILE B 253 25.08 40.08 0.17
CA ILE B 253 26.20 39.14 0.29
C ILE B 253 26.93 39.44 1.58
N ASN B 254 26.33 40.28 2.43
CA ASN B 254 26.87 40.54 3.76
C ASN B 254 26.91 39.24 4.54
N GLU B 255 28.04 38.96 5.19
CA GLU B 255 28.19 37.71 5.93
C GLU B 255 27.19 37.62 7.07
N ASP B 256 27.04 38.69 7.84
CA ASP B 256 26.11 38.68 8.97
C ASP B 256 24.67 38.54 8.51
N PHE B 257 24.29 39.24 7.44
CA PHE B 257 22.94 39.12 6.89
C PHE B 257 22.68 37.70 6.39
N ILE B 258 23.64 37.10 5.69
CA ILE B 258 23.47 35.74 5.19
C ILE B 258 23.37 34.75 6.35
N VAL B 259 24.20 34.91 7.38
CA VAL B 259 24.14 34.02 8.53
C VAL B 259 22.80 34.15 9.24
N TRP B 260 22.29 35.37 9.41
CA TRP B 260 20.99 35.52 10.06
C TRP B 260 19.87 34.96 9.21
N MET B 261 19.94 35.11 7.90
CA MET B 261 18.83 34.66 7.06
C MET B 261 18.75 33.14 6.92
N ARG B 262 19.59 32.38 7.61
CA ARG B 262 19.50 30.92 7.66
C ARG B 262 18.83 30.59 9.00
N THR B 263 17.62 30.03 8.93
CA THR B 263 16.79 29.79 10.11
C THR B 263 17.48 28.83 11.09
N ALA B 264 16.86 28.64 12.26
CA ALA B 264 17.60 28.15 13.42
C ALA B 264 17.41 26.68 13.75
N ALA B 265 16.26 26.10 13.39
CA ALA B 265 15.85 24.72 13.64
C ALA B 265 15.41 24.46 15.08
N LEU B 266 15.59 25.39 16.01
CA LEU B 266 15.19 25.20 17.39
C LEU B 266 14.91 26.56 18.00
N PRO B 267 14.07 26.63 19.03
CA PRO B 267 13.80 27.93 19.68
C PRO B 267 15.03 28.58 20.29
N THR B 268 15.98 27.79 20.81
CA THR B 268 17.25 28.30 21.31
C THR B 268 18.34 27.89 20.34
N PHE B 269 19.12 28.86 19.87
CA PHE B 269 20.07 28.61 18.81
C PHE B 269 21.30 29.50 18.98
N ARG B 270 22.31 29.24 18.14
CA ARG B 270 23.52 30.02 18.09
C ARG B 270 23.85 30.33 16.65
N LYS B 271 24.38 31.53 16.40
CA LYS B 271 24.78 31.95 15.06
C LYS B 271 26.20 32.48 15.12
N LEU B 272 27.01 32.11 14.13
CA LEU B 272 28.38 32.56 14.09
C LEU B 272 28.45 34.07 13.85
N TYR B 273 29.24 34.76 14.67
CA TYR B 273 29.34 36.20 14.62
C TYR B 273 30.69 36.67 14.09
N ARG B 274 31.78 36.25 14.72
CA ARG B 274 33.12 36.56 14.26
C ARG B 274 34.00 35.33 14.52
N LEU B 275 35.19 35.33 13.94
CA LEU B 275 36.19 34.33 14.27
C LEU B 275 37.52 35.03 14.53
N ILE B 276 38.29 34.50 15.47
CA ILE B 276 39.57 35.09 15.82
C ILE B 276 40.68 34.17 15.33
N GLU B 277 41.31 34.54 14.22
CA GLU B 277 42.37 33.71 13.65
C GLU B 277 43.54 33.61 14.61
N ARG B 278 44.16 32.43 14.64
CA ARG B 278 45.28 32.18 15.54
C ARG B 278 46.47 33.04 15.16
N LYS B 279 47.15 33.57 16.17
CA LYS B 279 48.32 34.39 15.94
C LYS B 279 49.47 33.54 15.40
N SER B 280 50.29 34.16 14.55
CA SER B 280 51.44 33.45 13.98
C SER B 280 52.46 33.10 15.05
N ASP B 281 52.42 33.79 16.20
CA ASP B 281 53.33 33.52 17.29
C ASP B 281 52.91 32.23 18.00
N LEU B 282 53.63 31.87 19.06
CA LEU B 282 53.29 30.71 19.88
C LEU B 282 52.18 31.01 20.88
N HIS B 283 51.89 32.29 21.13
CA HIS B 283 50.92 32.66 22.15
C HIS B 283 49.53 32.14 21.78
N PRO B 284 48.75 31.73 22.77
CA PRO B 284 47.38 31.29 22.49
C PRO B 284 46.51 32.44 21.99
N THR B 285 45.48 32.07 21.22
CA THR B 285 44.59 33.06 20.64
C THR B 285 43.91 33.92 21.71
N LEU B 286 43.44 33.30 22.78
CA LEU B 286 42.79 34.02 23.88
C LEU B 286 43.53 33.68 25.17
N PRO B 287 44.57 34.45 25.50
CA PRO B 287 45.34 34.15 26.71
C PRO B 287 44.49 34.30 27.97
N ALA B 288 44.81 33.51 28.98
CA ALA B 288 44.08 33.56 30.24
C ALA B 288 44.23 34.92 30.89
N GLY B 289 43.12 35.47 31.38
CA GLY B 289 43.16 36.78 31.99
C GLY B 289 41.76 37.35 32.08
N ARG B 290 41.68 38.64 32.42
CA ARG B 290 40.42 39.35 32.56
C ARG B 290 40.11 40.08 31.26
N TYR B 291 38.87 39.96 30.80
CA TYR B 291 38.44 40.49 29.52
C TYR B 291 37.27 41.43 29.69
N TRP B 292 37.03 42.24 28.65
CA TRP B 292 35.88 43.12 28.58
C TRP B 292 35.01 42.73 27.40
N LEU B 293 33.72 42.54 27.64
CA LEU B 293 32.73 42.34 26.59
C LEU B 293 31.83 43.56 26.64
N ASN B 294 32.18 44.59 25.87
CA ASN B 294 31.43 45.84 25.87
C ASN B 294 30.52 45.86 24.64
N VAL B 295 29.21 45.88 24.88
CA VAL B 295 28.22 45.58 23.85
C VAL B 295 27.34 46.80 23.64
N THR B 296 27.06 47.11 22.38
CA THR B 296 26.07 48.13 22.02
C THR B 296 24.71 47.45 22.00
N TYR B 297 23.95 47.62 23.07
CA TYR B 297 22.66 46.95 23.24
C TYR B 297 21.64 47.57 22.29
N ASN B 298 21.48 46.97 21.12
CA ASN B 298 20.53 47.43 20.12
C ASN B 298 19.35 46.49 19.93
N TYR B 299 19.55 45.19 20.13
CA TYR B 299 18.52 44.19 19.85
C TYR B 299 17.72 43.92 21.11
N PRO B 300 16.42 44.22 21.14
CA PRO B 300 15.60 43.93 22.33
C PRO B 300 15.02 42.53 22.25
N VAL B 301 15.13 41.78 23.35
CA VAL B 301 14.65 40.41 23.40
C VAL B 301 13.79 40.14 24.64
N HIS B 302 13.57 41.15 25.48
CA HIS B 302 12.83 40.95 26.71
C HIS B 302 11.32 41.03 26.53
N TYR B 303 10.84 41.42 25.34
CA TYR B 303 9.41 41.41 25.09
C TYR B 303 8.84 40.00 25.11
N PHE B 304 9.55 39.05 24.50
CA PHE B 304 9.09 37.67 24.41
C PHE B 304 9.84 36.75 25.35
N ASP B 305 10.42 37.30 26.42
CA ASP B 305 11.11 36.54 27.45
C ASP B 305 12.22 35.68 26.85
N GLY B 306 13.05 36.29 26.02
CA GLY B 306 14.17 35.61 25.38
C GLY B 306 15.48 36.08 25.97
N ARG B 307 16.43 35.16 26.10
CA ARG B 307 17.74 35.49 26.61
C ARG B 307 18.66 35.90 25.46
N LYS B 308 19.89 36.26 25.82
CA LYS B 308 20.84 36.79 24.83
C LYS B 308 22.24 36.63 25.41
N ARG B 309 23.10 35.89 24.71
CA ARG B 309 24.42 35.59 25.23
C ARG B 309 25.46 35.62 24.12
N MET B 310 26.72 35.81 24.51
CA MET B 310 27.86 35.71 23.63
C MET B 310 28.67 34.48 24.02
N ILE B 311 29.14 33.75 23.02
CA ILE B 311 29.79 32.46 23.23
C ILE B 311 31.11 32.43 22.47
N LEU B 312 32.21 32.25 23.18
CA LEU B 312 33.51 31.97 22.58
C LEU B 312 33.88 30.52 22.80
N SER B 313 34.40 29.89 21.75
CA SER B 313 34.67 28.46 21.83
C SER B 313 35.74 28.10 20.82
N THR B 314 36.51 27.07 21.16
CA THR B 314 37.46 26.45 20.24
C THR B 314 36.79 25.24 19.59
N ILE B 315 37.37 24.81 18.46
CA ILE B 315 36.79 23.73 17.68
C ILE B 315 37.74 22.54 17.53
N SER B 316 37.26 21.48 16.88
CA SER B 316 38.05 20.29 16.63
C SER B 316 37.56 19.68 15.31
N TRP B 317 38.00 18.45 15.06
CA TRP B 317 37.57 17.76 13.86
C TRP B 317 36.07 17.52 13.85
N MET B 318 35.48 17.30 15.02
CA MET B 318 34.06 17.05 15.13
C MET B 318 33.23 18.31 15.30
N GLY B 319 33.84 19.44 15.62
CA GLY B 319 33.10 20.66 15.82
C GLY B 319 33.24 21.23 17.22
N GLY B 320 32.11 21.50 17.87
CA GLY B 320 32.13 22.11 19.18
C GLY B 320 32.06 21.12 20.32
N LYS B 321 31.70 21.60 21.51
CA LYS B 321 31.62 20.77 22.71
C LYS B 321 30.24 20.13 22.76
N ASN B 322 30.20 18.81 22.61
CA ASN B 322 28.96 18.07 22.75
C ASN B 322 29.25 16.66 23.22
N PRO B 323 29.00 16.36 24.51
CA PRO B 323 29.23 15.01 25.02
C PRO B 323 28.19 13.99 24.63
N PHE B 324 27.15 14.37 23.89
CA PHE B 324 26.10 13.44 23.50
C PHE B 324 26.65 12.29 22.65
N LEU B 325 27.45 12.62 21.63
CA LEU B 325 28.00 11.58 20.78
C LEU B 325 28.92 10.64 21.55
N GLY B 326 29.78 11.21 22.40
CA GLY B 326 30.71 10.38 23.17
C GLY B 326 29.99 9.46 24.13
N ILE B 327 28.97 9.99 24.83
CA ILE B 327 28.20 9.17 25.77
C ILE B 327 27.35 8.13 25.07
N ALA B 328 26.75 8.47 23.92
CA ALA B 328 25.93 7.53 23.17
C ALA B 328 26.73 6.42 22.52
N TYR B 329 27.88 6.72 21.93
CA TYR B 329 28.70 5.68 21.33
C TYR B 329 29.21 4.68 22.35
N ILE B 330 29.67 5.13 23.51
CA ILE B 330 30.10 4.20 24.55
C ILE B 330 28.93 3.38 25.09
N ALA B 331 27.80 4.02 25.37
CA ALA B 331 26.63 3.32 25.88
C ALA B 331 26.06 2.33 24.88
N VAL B 332 26.25 2.56 23.58
CA VAL B 332 25.82 1.63 22.56
C VAL B 332 26.82 0.49 22.34
N GLY B 333 28.12 0.78 22.33
CA GLY B 333 29.12 -0.25 22.17
C GLY B 333 29.36 -1.11 23.38
N SER B 334 28.93 -0.67 24.56
CA SER B 334 29.00 -1.49 25.76
C SER B 334 27.75 -2.32 25.98
N ILE B 335 26.57 -1.83 25.59
CA ILE B 335 25.36 -2.62 25.66
C ILE B 335 25.40 -3.80 24.68
N SER B 336 25.82 -3.56 23.43
CA SER B 336 25.94 -4.63 22.46
C SER B 336 26.99 -5.65 22.89
N PHE B 337 28.10 -5.19 23.44
CA PHE B 337 29.14 -6.11 23.89
C PHE B 337 28.64 -7.01 25.01
N LEU B 338 27.90 -6.46 25.98
CA LEU B 338 27.40 -7.28 27.07
C LEU B 338 26.30 -8.22 26.60
N LEU B 339 25.46 -7.75 25.66
CA LEU B 339 24.45 -8.64 25.09
C LEU B 339 25.09 -9.80 24.33
N GLY B 340 26.18 -9.54 23.61
CA GLY B 340 26.92 -10.62 22.98
C GLY B 340 27.48 -11.63 23.96
N VAL B 341 28.03 -11.17 25.08
CA VAL B 341 28.54 -12.09 26.09
C VAL B 341 27.40 -12.93 26.67
N VAL B 342 26.26 -12.28 26.95
CA VAL B 342 25.12 -13.01 27.49
C VAL B 342 24.63 -14.06 26.51
N LEU B 343 24.49 -13.68 25.24
CA LEU B 343 24.00 -14.61 24.24
C LEU B 343 25.02 -15.66 23.85
N LEU B 344 26.29 -15.46 24.20
CA LEU B 344 27.30 -16.50 24.05
C LEU B 344 27.32 -17.49 25.21
N VAL B 345 27.16 -17.03 26.44
CA VAL B 345 27.14 -17.94 27.59
C VAL B 345 25.85 -18.74 27.55
N ILE B 346 24.76 -18.11 27.09
CA ILE B 346 23.49 -18.81 27.01
C ILE B 346 23.57 -19.99 26.04
N ASN B 347 24.19 -19.81 24.88
CA ASN B 347 24.32 -20.88 23.91
C ASN B 347 25.38 -21.91 24.27
N HIS B 348 25.94 -21.84 25.48
CA HIS B 348 26.82 -22.89 25.97
C HIS B 348 26.07 -24.09 26.51
N LYS B 349 24.78 -23.94 26.80
CA LYS B 349 23.98 -25.08 27.24
C LYS B 349 23.85 -26.12 26.14
N TYR B 350 23.64 -25.68 24.90
CA TYR B 350 23.47 -26.58 23.77
C TYR B 350 24.81 -26.88 23.10
MG MG C . -18.66 -32.44 -14.61
C1 PCW D . 2.34 8.22 -5.47
C2 PCW D . 2.75 8.94 -6.74
C3 PCW D . 3.47 8.05 -7.73
C4 PCW D . 1.56 10.99 -1.34
C5 PCW D . 1.26 12.42 -0.97
C6 PCW D . -0.92 12.47 -2.10
C7 PCW D . -0.83 12.08 0.29
C8 PCW D . -0.31 14.25 -0.61
C11 PCW D . 3.91 5.82 -7.07
C12 PCW D . 4.99 5.44 -8.03
C13 PCW D . 4.60 4.31 -8.92
C14 PCW D . 4.66 2.96 -8.25
C15 PCW D . 6.02 2.49 -7.80
C16 PCW D . 7.09 2.56 -8.87
C17 PCW D . 8.02 3.74 -8.74
C18 PCW D . 8.17 4.55 -9.98
C19 PCW D . 9.31 5.52 -9.92
C20 PCW D . 10.56 5.22 -9.76
C21 PCW D . 11.71 6.14 -10.05
C22 PCW D . 12.91 5.89 -9.19
C23 PCW D . 14.20 5.76 -9.94
C24 PCW D . 15.44 6.11 -9.15
C25 PCW D . 15.56 5.38 -7.83
C26 PCW D . 15.70 3.89 -7.93
C27 PCW D . 17.01 3.41 -8.46
C28 PCW D . 16.92 2.96 -9.88
C31 PCW D . 1.24 10.77 -7.06
C32 PCW D . 1.97 11.79 -7.87
C33 PCW D . 2.22 13.06 -7.13
C34 PCW D . 3.38 13.84 -7.71
C35 PCW D . 3.18 15.33 -7.68
C36 PCW D . 3.10 15.90 -6.30
C37 PCW D . 3.67 17.31 -6.18
C38 PCW D . 3.09 18.12 -5.07
C39 PCW D . 3.41 19.57 -5.17
C40 PCW D . 4.56 20.10 -4.85
C41 PCW D . 5.90 19.66 -5.36
C42 PCW D . 6.99 20.66 -5.11
C43 PCW D . 8.38 20.08 -5.18
C44 PCW D . 8.74 19.52 -6.54
C45 PCW D . 8.40 18.07 -6.74
C46 PCW D . 9.53 17.21 -7.24
C47 PCW D . 9.14 16.27 -8.33
C48 PCW D . 8.17 15.19 -7.89
N PCW D . -0.20 12.79 -0.85
O2 PCW D . 1.57 9.49 -7.36
O3 PCW D . 3.05 6.68 -7.59
O11 PCW D . 3.81 5.37 -5.96
O31 PCW D . 0.47 11.04 -6.19
O1P PCW D . 3.96 10.41 -3.93
O2P PCW D . 2.88 8.64 -2.35
O3P PCW D . 1.82 9.20 -4.54
O4P PCW D . 1.79 10.90 -2.76
P PCW D . 2.74 9.74 -3.35
H11 PCW D . 3.11 7.78 -5.08
H12 PCW D . 1.65 7.55 -5.67
H2 PCW D . 3.35 9.67 -6.49
H31 PCW D . 3.29 8.36 -8.65
H32 PCW D . 4.45 8.11 -7.57
H41 PCW D . 0.80 10.41 -1.09
H42 PCW D . 2.36 10.68 -0.84
H51 PCW D . 1.67 12.99 -1.64
H52 PCW D . 1.69 12.61 -0.12
H61 PCW D . -1.75 12.96 -2.12
H62 PCW D . -1.09 11.51 -2.13
H63 PCW D . -0.37 12.72 -2.86
H71 PCW D . -1.04 11.17 0.01
H72 PCW D . -1.65 12.54 0.54
H73 PCW D . -0.22 12.06 1.03
H81 PCW D . 0.29 14.49 0.11
H82 PCW D . -1.22 14.47 -0.37
H83 PCW D . -0.06 14.72 -1.42
H121 PCW D . 5.80 5.19 -7.53
H122 PCW D . 5.22 6.21 -8.59
H131 PCW D . 5.19 4.29 -9.71
H132 PCW D . 3.68 4.46 -9.25
H141 PCW D . 4.29 2.29 -8.86
H142 PCW D . 4.07 2.97 -7.46
H151 PCW D . 5.96 1.57 -7.49
H152 PCW D . 6.31 3.04 -7.05
H161 PCW D . 6.64 2.60 -9.75
H162 PCW D . 7.61 1.73 -8.84
H171 PCW D . 8.91 3.40 -8.48
H172 PCW D . 7.71 4.32 -8.02
H181 PCW D . 7.34 5.05 -10.13
H182 PCW D . 8.31 3.94 -10.74
H19 PCW D . 9.09 6.44 -10.02
H20 PCW D . 10.77 4.37 -9.43
H211 PCW D . 11.42 7.06 -9.94
H212 PCW D . 11.98 6.00 -10.99
H221 PCW D . 12.76 5.06 -8.67
H222 PCW D . 12.99 6.63 -8.54
H231 PCW D . 14.17 6.35 -10.73
H232 PCW D . 14.29 4.84 -10.26
H241 PCW D . 15.43 7.07 -8.97
H242 PCW D . 16.22 5.91 -9.69
H251 PCW D . 14.80 5.60 -7.27
H252 PCW D . 16.36 5.73 -7.37
H261 PCW D . 14.99 3.55 -8.50
H262 PCW D . 15.56 3.51 -7.04
H271 PCW D . 17.67 4.15 -8.39
H272 PCW D . 17.33 2.67 -7.90
H281 PCW D . 16.50 3.65 -10.42
H282 PCW D . 16.40 2.15 -9.93
H283 PCW D . 17.81 2.79 -10.23
H321 PCW D . 1.43 11.99 -8.67
H322 PCW D . 2.82 11.42 -8.18
H331 PCW D . 2.42 12.85 -6.20
H332 PCW D . 1.42 13.61 -7.15
H341 PCW D . 3.51 13.57 -8.65
H342 PCW D . 4.19 13.62 -7.21
H351 PCW D . 2.36 15.55 -8.16
H352 PCW D . 3.92 15.76 -8.15
H361 PCW D . 3.58 15.31 -5.68
H362 PCW D . 2.16 15.92 -6.01
H371 PCW D . 3.53 17.77 -7.03
H372 PCW D . 4.65 17.23 -6.04
H381 PCW D . 3.41 17.76 -4.22
H382 PCW D . 2.11 18.01 -5.09
H39 PCW D . 2.74 20.15 -5.49
H40 PCW D . 4.55 20.83 -4.25
H411 PCW D . 5.84 19.48 -6.31
H412 PCW D . 6.14 18.82 -4.91
H421 PCW D . 6.86 21.04 -4.22
H422 PCW D . 6.91 21.37 -5.77
H431 PCW D . 8.46 19.35 -4.53
H432 PCW D . 9.03 20.77 -4.94
H441 PCW D . 9.71 19.64 -6.67
H442 PCW D . 8.30 20.06 -7.23
H451 PCW D . 7.65 18.02 -7.38
H452 PCW D . 8.07 17.71 -5.89
H461 PCW D . 9.89 16.70 -6.49
H462 PCW D . 10.24 17.80 -7.58
H471 PCW D . 9.95 15.84 -8.68
H472 PCW D . 8.72 16.77 -9.07
H481 PCW D . 8.23 14.43 -8.49
H482 PCW D . 7.27 15.55 -7.90
H483 PCW D . 8.40 14.91 -6.98
C1 NAG E . 18.11 47.83 16.49
C2 NAG E . 18.04 49.01 15.54
C3 NAG E . 16.74 49.77 15.74
C4 NAG E . 15.55 48.82 15.65
C5 NAG E . 15.75 47.61 16.56
C6 NAG E . 14.69 46.55 16.37
C7 NAG E . 20.22 49.93 14.88
C8 NAG E . 20.15 49.01 13.70
N2 NAG E . 19.18 49.89 15.72
O3 NAG E . 16.62 50.77 14.75
O4 NAG E . 14.37 49.51 16.05
O5 NAG E . 17.01 46.98 16.28
O6 NAG E . 15.25 45.24 16.44
O7 NAG E . 21.17 50.68 15.06
C1 NAG F . 11.54 48.31 15.80
C2 NAG F . 10.98 48.75 17.13
C3 NAG F . 9.96 49.87 16.92
C4 NAG F . 10.57 51.00 16.10
C5 NAG F . 11.18 50.46 14.82
C6 NAG F . 11.93 51.50 14.03
C7 NAG F . 11.08 46.71 18.50
C8 NAG F . 10.29 45.63 19.16
N2 NAG F . 10.37 47.63 17.83
O3 NAG F . 9.54 50.36 18.20
O4 NAG F . 9.56 51.95 15.77
O5 NAG F . 12.13 49.42 15.13
O6 NAG F . 13.33 51.41 14.24
O7 NAG F . 12.31 46.76 18.56
C1 NAG G . 33.42 49.62 25.31
C2 NAG G . 34.18 50.85 24.77
C3 NAG G . 33.23 52.00 24.45
C4 NAG G . 32.35 52.36 25.64
C5 NAG G . 31.99 51.11 26.43
C6 NAG G . 30.58 51.14 26.98
C7 NAG G . 36.43 50.78 25.75
C8 NAG G . 37.35 51.34 26.79
N2 NAG G . 35.20 51.28 25.72
O3 NAG G . 32.41 51.64 23.33
O4 NAG G . 33.04 53.27 26.49
O5 NAG G . 32.07 49.98 25.54
O6 NAG G . 30.26 52.42 27.51
O7 NAG G . 36.81 49.93 24.95
C1 NAG H . 37.00 47.58 40.49
C2 NAG H . 35.62 47.99 39.98
C3 NAG H . 34.91 46.80 39.34
C4 NAG H . 35.78 46.17 38.27
C5 NAG H . 37.16 45.84 38.84
C6 NAG H . 38.12 45.31 37.80
C7 NAG H . 34.57 49.86 41.19
C8 NAG H . 35.16 50.75 40.14
N2 NAG H . 34.82 48.55 41.06
O3 NAG H . 33.68 47.24 38.77
O5 NAG H . 37.76 47.02 39.40
O6 NAG H . 39.17 44.56 38.40
O7 NAG H . 33.88 50.30 42.11
#